data_1A2E
# 
_entry.id   1A2E 
# 
_audit_conform.dict_name       mmcif_pdbx.dic 
_audit_conform.dict_version    5.385 
_audit_conform.dict_location   http://mmcif.pdb.org/dictionaries/ascii/mmcif_pdbx.dic 
# 
loop_
_database_2.database_id 
_database_2.database_code 
_database_2.pdbx_database_accession 
_database_2.pdbx_DOI 
PDB   1A2E         pdb_00001a2e 10.2210/pdb1a2e/pdb 
RCSB  DDJ075       ?            ?                   
WWPDB D_1000170308 ?            ?                   
# 
loop_
_pdbx_audit_revision_history.ordinal 
_pdbx_audit_revision_history.data_content_type 
_pdbx_audit_revision_history.major_revision 
_pdbx_audit_revision_history.minor_revision 
_pdbx_audit_revision_history.revision_date 
1 'Structure model' 1 0 1999-04-12 
2 'Structure model' 1 1 2008-05-22 
3 'Structure model' 1 2 2011-07-13 
4 'Structure model' 1 3 2024-02-07 
# 
_pdbx_audit_revision_details.ordinal             1 
_pdbx_audit_revision_details.revision_ordinal    1 
_pdbx_audit_revision_details.data_content_type   'Structure model' 
_pdbx_audit_revision_details.provider            repository 
_pdbx_audit_revision_details.type                'Initial release' 
_pdbx_audit_revision_details.description         ? 
_pdbx_audit_revision_details.details             ? 
# 
loop_
_pdbx_audit_revision_group.ordinal 
_pdbx_audit_revision_group.revision_ordinal 
_pdbx_audit_revision_group.data_content_type 
_pdbx_audit_revision_group.group 
1 2 'Structure model' 'Version format compliance' 
2 3 'Structure model' 'Non-polymer description'   
3 3 'Structure model' 'Version format compliance' 
4 4 'Structure model' 'Data collection'           
5 4 'Structure model' 'Database references'       
6 4 'Structure model' 'Derived calculations'      
# 
loop_
_pdbx_audit_revision_category.ordinal 
_pdbx_audit_revision_category.revision_ordinal 
_pdbx_audit_revision_category.data_content_type 
_pdbx_audit_revision_category.category 
1 4 'Structure model' chem_comp_atom 
2 4 'Structure model' chem_comp_bond 
3 4 'Structure model' database_2     
4 4 'Structure model' struct_conn    
5 4 'Structure model' struct_site    
# 
loop_
_pdbx_audit_revision_item.ordinal 
_pdbx_audit_revision_item.revision_ordinal 
_pdbx_audit_revision_item.data_content_type 
_pdbx_audit_revision_item.item 
1  4 'Structure model' '_database_2.pdbx_DOI'                
2  4 'Structure model' '_database_2.pdbx_database_accession' 
3  4 'Structure model' '_struct_conn.ptnr1_auth_asym_id'     
4  4 'Structure model' '_struct_conn.ptnr1_auth_comp_id'     
5  4 'Structure model' '_struct_conn.ptnr1_auth_seq_id'      
6  4 'Structure model' '_struct_conn.ptnr1_label_asym_id'    
7  4 'Structure model' '_struct_conn.ptnr1_label_atom_id'    
8  4 'Structure model' '_struct_conn.ptnr1_label_comp_id'    
9  4 'Structure model' '_struct_conn.ptnr1_label_seq_id'     
10 4 'Structure model' '_struct_conn.ptnr2_auth_asym_id'     
11 4 'Structure model' '_struct_conn.ptnr2_auth_comp_id'     
12 4 'Structure model' '_struct_conn.ptnr2_auth_seq_id'      
13 4 'Structure model' '_struct_conn.ptnr2_label_asym_id'    
14 4 'Structure model' '_struct_conn.ptnr2_label_atom_id'    
15 4 'Structure model' '_struct_conn.ptnr2_label_comp_id'    
16 4 'Structure model' '_struct_conn.ptnr2_label_seq_id'     
17 4 'Structure model' '_struct_site.pdbx_auth_asym_id'      
18 4 'Structure model' '_struct_site.pdbx_auth_comp_id'      
19 4 'Structure model' '_struct_site.pdbx_auth_seq_id'       
# 
_pdbx_database_status.status_code                     REL 
_pdbx_database_status.entry_id                        1A2E 
_pdbx_database_status.recvd_initial_deposition_date   1998-01-05 
_pdbx_database_status.deposit_site                    NDB 
_pdbx_database_status.process_site                    NDB 
_pdbx_database_status.status_code_sf                  REL 
_pdbx_database_status.status_code_mr                  ? 
_pdbx_database_status.SG_entry                        ? 
_pdbx_database_status.pdb_format_compatible           Y 
_pdbx_database_status.status_code_cs                  ? 
_pdbx_database_status.status_code_nmr_data            ? 
_pdbx_database_status.methods_development_category    ? 
# 
loop_
_audit_author.name 
_audit_author.pdbx_ordinal 
'Coste, F.'  1 
'Zelwer, C.' 2 
# 
_citation.id                        primary 
_citation.title                     
;Crystal structure of a double-stranded DNA containing a cisplatin interstrand cross-link at 1.63 A resolution: hydration at the platinated site.
;
_citation.journal_abbrev            'Nucleic Acids Res.' 
_citation.journal_volume            27 
_citation.page_first                1837 
_citation.page_last                 1846 
_citation.year                      1999 
_citation.journal_id_ASTM           NARHAD 
_citation.country                   UK 
_citation.journal_id_ISSN           0305-1048 
_citation.journal_id_CSD            0389 
_citation.book_publisher            ? 
_citation.pdbx_database_id_PubMed   10101191 
_citation.pdbx_database_id_DOI      10.1093/nar/27.8.1837 
# 
loop_
_citation_author.citation_id 
_citation_author.name 
_citation_author.ordinal 
_citation_author.identifier_ORCID 
primary 'Coste, F.'     1 ? 
primary 'Malinge, J.M.' 2 ? 
primary 'Serre, L.'     3 ? 
primary 'Shepard, W.'   4 ? 
primary 'Roth, M.'      5 ? 
primary 'Leng, M.'      6 ? 
primary 'Zelwer, C.'    7 ? 
# 
loop_
_entity.id 
_entity.type 
_entity.src_method 
_entity.pdbx_description 
_entity.formula_weight 
_entity.pdbx_number_of_molecules 
_entity.pdbx_ec 
_entity.pdbx_mutation 
_entity.pdbx_fragment 
_entity.details 
1 polymer     syn 
;DNA (5'-D(*CP*CP*TP*CP*GP*CP*TP*CP*TP*C)-3')
;
2931.917 1  ? ? ? 'PT(CPT) CROSSLINKS N7(G5) AND N7(G15)' 
2 polymer     syn 
;DNA (5'-D(*GP*AP*GP*AP*GP*CP*GP*AP*GP*G)-3')
;
3159.079 1  ? ? ? 'PT(CPT) CROSSLINKS N7(G5) AND N7(G15)' 
3 non-polymer syn Cisplatin                                      300.045  1  ? ? ? ?                                       
4 water       nat water                                          18.015   92 ? ? ? ?                                       
# 
loop_
_entity_poly.entity_id 
_entity_poly.type 
_entity_poly.nstd_linkage 
_entity_poly.nstd_monomer 
_entity_poly.pdbx_seq_one_letter_code 
_entity_poly.pdbx_seq_one_letter_code_can 
_entity_poly.pdbx_strand_id 
_entity_poly.pdbx_target_identifier 
1 polydeoxyribonucleotide no no '(DC)(DC)(DT)(DC)(DG)(DC)(DT)(DC)(DT)(DC)' CCTCGCTCTC A ? 
2 polydeoxyribonucleotide no no '(DG)(DA)(DG)(DA)(DG)(DC)(DG)(DA)(DG)(DG)' GAGAGCGAGG B ? 
# 
loop_
_pdbx_entity_nonpoly.entity_id 
_pdbx_entity_nonpoly.name 
_pdbx_entity_nonpoly.comp_id 
3 Cisplatin CPT 
4 water     HOH 
# 
loop_
_entity_poly_seq.entity_id 
_entity_poly_seq.num 
_entity_poly_seq.mon_id 
_entity_poly_seq.hetero 
1 1  DC n 
1 2  DC n 
1 3  DT n 
1 4  DC n 
1 5  DG n 
1 6  DC n 
1 7  DT n 
1 8  DC n 
1 9  DT n 
1 10 DC n 
2 1  DG n 
2 2  DA n 
2 3  DG n 
2 4  DA n 
2 5  DG n 
2 6  DC n 
2 7  DG n 
2 8  DA n 
2 9  DG n 
2 10 DG n 
# 
loop_
_chem_comp.id 
_chem_comp.type 
_chem_comp.mon_nstd_flag 
_chem_comp.name 
_chem_comp.pdbx_synonyms 
_chem_comp.formula 
_chem_comp.formula_weight 
CPT non-polymer   . Cisplatin                            'diammine(dichloro)platinum' 'Cl2 H6 N2 Pt'    300.045 
DA  'DNA linking' y "2'-DEOXYADENOSINE-5'-MONOPHOSPHATE" ?                            'C10 H14 N5 O6 P' 331.222 
DC  'DNA linking' y "2'-DEOXYCYTIDINE-5'-MONOPHOSPHATE"  ?                            'C9 H14 N3 O7 P'  307.197 
DG  'DNA linking' y "2'-DEOXYGUANOSINE-5'-MONOPHOSPHATE" ?                            'C10 H14 N5 O7 P' 347.221 
DT  'DNA linking' y "THYMIDINE-5'-MONOPHOSPHATE"         ?                            'C10 H15 N2 O8 P' 322.208 
HOH non-polymer   . WATER                                ?                            'H2 O'            18.015  
# 
loop_
_pdbx_poly_seq_scheme.asym_id 
_pdbx_poly_seq_scheme.entity_id 
_pdbx_poly_seq_scheme.seq_id 
_pdbx_poly_seq_scheme.mon_id 
_pdbx_poly_seq_scheme.ndb_seq_num 
_pdbx_poly_seq_scheme.pdb_seq_num 
_pdbx_poly_seq_scheme.auth_seq_num 
_pdbx_poly_seq_scheme.pdb_mon_id 
_pdbx_poly_seq_scheme.auth_mon_id 
_pdbx_poly_seq_scheme.pdb_strand_id 
_pdbx_poly_seq_scheme.pdb_ins_code 
_pdbx_poly_seq_scheme.hetero 
A 1 1  DC 1  1  1  DC C A . n 
A 1 2  DC 2  2  2  DC C A . n 
A 1 3  DT 3  3  3  DT T A . n 
A 1 4  DC 4  4  4  DC C A . n 
A 1 5  DG 5  5  5  DG G A . n 
A 1 6  DC 6  6  6  DC C A . n 
A 1 7  DT 7  7  7  DT T A . n 
A 1 8  DC 8  8  8  DC C A . n 
A 1 9  DT 9  9  9  DT T A . n 
A 1 10 DC 10 10 10 DC C A . n 
B 2 1  DG 1  11 11 DG G B . n 
B 2 2  DA 2  12 12 DA A B . n 
B 2 3  DG 3  13 13 DG G B . n 
B 2 4  DA 4  14 14 DA A B . n 
B 2 5  DG 5  15 15 DG G B . n 
B 2 6  DC 6  16 16 DC C B . n 
B 2 7  DG 7  17 17 DG G B . n 
B 2 8  DA 8  18 18 DA A B . n 
B 2 9  DG 9  19 19 DG G B . n 
B 2 10 DG 10 20 20 DG G B . n 
# 
loop_
_pdbx_nonpoly_scheme.asym_id 
_pdbx_nonpoly_scheme.entity_id 
_pdbx_nonpoly_scheme.mon_id 
_pdbx_nonpoly_scheme.ndb_seq_num 
_pdbx_nonpoly_scheme.pdb_seq_num 
_pdbx_nonpoly_scheme.auth_seq_num 
_pdbx_nonpoly_scheme.pdb_mon_id 
_pdbx_nonpoly_scheme.auth_mon_id 
_pdbx_nonpoly_scheme.pdb_strand_id 
_pdbx_nonpoly_scheme.pdb_ins_code 
C 3 CPT 1  101 101 CPT CPT A . 
D 4 HOH 1  102 1   HOH HOH A . 
D 4 HOH 2  103 2   HOH HOH A . 
D 4 HOH 3  104 5   HOH HOH A . 
D 4 HOH 4  105 7   HOH HOH A . 
D 4 HOH 5  106 9   HOH HOH A . 
D 4 HOH 6  107 10  HOH HOH A . 
D 4 HOH 7  108 11  HOH HOH A . 
D 4 HOH 8  109 15  HOH HOH A . 
D 4 HOH 9  110 16  HOH HOH A . 
D 4 HOH 10 111 17  HOH HOH A . 
D 4 HOH 11 112 20  HOH HOH A . 
D 4 HOH 12 113 21  HOH HOH A . 
D 4 HOH 13 114 22  HOH HOH A . 
D 4 HOH 14 115 23  HOH HOH A . 
D 4 HOH 15 116 24  HOH HOH A . 
D 4 HOH 16 117 29  HOH HOH A . 
D 4 HOH 17 118 30  HOH HOH A . 
D 4 HOH 18 119 31  HOH HOH A . 
D 4 HOH 19 120 33  HOH HOH A . 
D 4 HOH 20 121 36  HOH HOH A . 
D 4 HOH 21 122 37  HOH HOH A . 
D 4 HOH 22 123 41  HOH HOH A . 
D 4 HOH 23 124 42  HOH HOH A . 
D 4 HOH 24 125 43  HOH HOH A . 
D 4 HOH 25 126 45  HOH HOH A . 
D 4 HOH 26 127 48  HOH HOH A . 
D 4 HOH 27 128 49  HOH HOH A . 
D 4 HOH 28 129 53  HOH HOH A . 
D 4 HOH 29 130 56  HOH HOH A . 
D 4 HOH 30 131 58  HOH HOH A . 
D 4 HOH 31 132 59  HOH HOH A . 
D 4 HOH 32 133 61  HOH HOH A . 
D 4 HOH 33 134 63  HOH HOH A . 
D 4 HOH 34 135 69  HOH HOH A . 
D 4 HOH 35 136 71  HOH HOH A . 
D 4 HOH 36 137 72  HOH HOH A . 
D 4 HOH 37 138 73  HOH HOH A . 
D 4 HOH 38 139 75  HOH HOH A . 
D 4 HOH 39 140 76  HOH HOH A . 
D 4 HOH 40 141 78  HOH HOH A . 
D 4 HOH 41 142 79  HOH HOH A . 
D 4 HOH 42 143 80  HOH HOH A . 
D 4 HOH 43 144 81  HOH HOH A . 
D 4 HOH 44 145 82  HOH HOH A . 
D 4 HOH 45 146 84  HOH HOH A . 
D 4 HOH 46 147 85  HOH HOH A . 
D 4 HOH 47 148 86  HOH HOH A . 
D 4 HOH 48 149 88  HOH HOH A . 
D 4 HOH 49 150 89  HOH HOH A . 
D 4 HOH 50 151 90  HOH HOH A . 
E 4 HOH 1  21  3   HOH HOH B . 
E 4 HOH 2  22  4   HOH HOH B . 
E 4 HOH 3  23  6   HOH HOH B . 
E 4 HOH 4  24  8   HOH HOH B . 
E 4 HOH 5  25  12  HOH HOH B . 
E 4 HOH 6  26  13  HOH HOH B . 
E 4 HOH 7  27  14  HOH HOH B . 
E 4 HOH 8  28  18  HOH HOH B . 
E 4 HOH 9  29  19  HOH HOH B . 
E 4 HOH 10 30  25  HOH HOH B . 
E 4 HOH 11 31  26  HOH HOH B . 
E 4 HOH 12 32  27  HOH HOH B . 
E 4 HOH 13 33  28  HOH HOH B . 
E 4 HOH 14 34  32  HOH HOH B . 
E 4 HOH 15 35  34  HOH HOH B . 
E 4 HOH 16 36  35  HOH HOH B . 
E 4 HOH 17 37  38  HOH HOH B . 
E 4 HOH 18 38  39  HOH HOH B . 
E 4 HOH 19 39  40  HOH HOH B . 
E 4 HOH 20 40  44  HOH HOH B . 
E 4 HOH 21 41  46  HOH HOH B . 
E 4 HOH 22 42  47  HOH HOH B . 
E 4 HOH 23 43  50  HOH HOH B . 
E 4 HOH 24 44  51  HOH HOH B . 
E 4 HOH 25 45  52  HOH HOH B . 
E 4 HOH 26 46  54  HOH HOH B . 
E 4 HOH 27 47  55  HOH HOH B . 
E 4 HOH 28 48  57  HOH HOH B . 
E 4 HOH 29 49  60  HOH HOH B . 
E 4 HOH 30 50  62  HOH HOH B . 
E 4 HOH 31 51  64  HOH HOH B . 
E 4 HOH 32 52  65  HOH HOH B . 
E 4 HOH 33 53  66  HOH HOH B . 
E 4 HOH 34 54  67  HOH HOH B . 
E 4 HOH 35 55  68  HOH HOH B . 
E 4 HOH 36 56  70  HOH HOH B . 
E 4 HOH 37 57  74  HOH HOH B . 
E 4 HOH 38 58  77  HOH HOH B . 
E 4 HOH 39 59  83  HOH HOH B . 
E 4 HOH 40 60  87  HOH HOH B . 
E 4 HOH 41 61  91  HOH HOH B . 
E 4 HOH 42 62  92  HOH HOH B . 
# 
loop_
_software.name 
_software.classification 
_software.version 
_software.citation_id 
_software.pdbx_ordinal 
SHARP     phasing          .         ? 1 
SHELXL-96 refinement       .         ? 2 
MOSFLM    'data reduction' .         ? 3 
CCP4      'data scaling'   '(SCALA)' ? 4 
# 
_cell.entry_id           1A2E 
_cell.length_a           42.890 
_cell.length_b           29.980 
_cell.length_c           46.570 
_cell.angle_alpha        90.00 
_cell.angle_beta         95.98 
_cell.angle_gamma        90.00 
_cell.Z_PDB              4 
_cell.pdbx_unique_axis   ? 
# 
_symmetry.entry_id                         1A2E 
_symmetry.space_group_name_H-M             'C 1 2 1' 
_symmetry.pdbx_full_space_group_name_H-M   ? 
_symmetry.cell_setting                     monoclinic 
_symmetry.Int_Tables_number                5 
# 
_exptl.entry_id          1A2E 
_exptl.method            'X-RAY DIFFRACTION' 
_exptl.crystals_number   1 
# 
_exptl_crystal.id                    1 
_exptl_crystal.density_meas          ? 
_exptl_crystal.density_Matthews      2.34 
_exptl_crystal.density_percent_sol   56.0000 
_exptl_crystal.description           ? 
# 
_exptl_crystal_grow.crystal_id      1 
_exptl_crystal_grow.method          ? 
_exptl_crystal_grow.temp            ? 
_exptl_crystal_grow.temp_details    ? 
_exptl_crystal_grow.pH              6.20 
_exptl_crystal_grow.pdbx_details    'pH 6.20' 
_exptl_crystal_grow.pdbx_pH_range   ? 
# 
_diffrn.id                     1 
_diffrn.ambient_temp           100.00 
_diffrn.ambient_temp_details   ? 
_diffrn.crystal_id             1 
# 
_diffrn_detector.diffrn_id              1 
_diffrn_detector.detector               'IMAGE PLATE' 
_diffrn_detector.type                   MARRESEARCH 
_diffrn_detector.pdbx_collection_date   1997-11-01 
_diffrn_detector.details                MIRRORS 
# 
_diffrn_radiation.diffrn_id                        1 
_diffrn_radiation.wavelength_id                    1 
_diffrn_radiation.pdbx_monochromatic_or_laue_m_l   M 
_diffrn_radiation.monochromator                    'DOUBLE CRYSTAL' 
_diffrn_radiation.pdbx_diffrn_protocol             'SINGLE WAVELENGTH' 
_diffrn_radiation.pdbx_scattering_type             x-ray 
# 
_diffrn_radiation_wavelength.id           1 
_diffrn_radiation_wavelength.wavelength   1.0711 
_diffrn_radiation_wavelength.wt           1.0 
# 
_diffrn_source.diffrn_id                   1 
_diffrn_source.source                      SYNCHROTRON 
_diffrn_source.type                        'LURE BEAMLINE DW21B' 
_diffrn_source.pdbx_synchrotron_site       LURE 
_diffrn_source.pdbx_synchrotron_beamline   DW21B 
_diffrn_source.pdbx_wavelength             1.0711 
_diffrn_source.pdbx_wavelength_list        ? 
# 
_reflns.entry_id                     1A2E 
_reflns.observed_criterion_sigma_I   4.000 
_reflns.observed_criterion_sigma_F   ? 
_reflns.d_resolution_low             46.130 
_reflns.d_resolution_high            1.630 
_reflns.number_obs                   7353 
_reflns.number_all                   ? 
_reflns.percent_possible_obs         93.100 
_reflns.pdbx_Rmerge_I_obs            0.0370000 
_reflns.pdbx_Rsym_value              0.0370000 
_reflns.pdbx_netI_over_sigmaI        6.000 
_reflns.B_iso_Wilson_estimate        ? 
_reflns.pdbx_redundancy              3.500 
_reflns.R_free_details               ? 
_reflns.pdbx_ordinal                 1 
_reflns.pdbx_diffrn_id               1 
# 
_reflns_shell.d_res_high             1.630 
_reflns_shell.d_res_low              1.720 
_reflns_shell.percent_possible_all   91.00 
_reflns_shell.Rmerge_I_obs           0.0630000 
_reflns_shell.pdbx_Rsym_value        0.0490000 
_reflns_shell.meanI_over_sigI_obs    12.00 
_reflns_shell.pdbx_redundancy        3.100 
_reflns_shell.percent_possible_obs   ? 
_reflns_shell.number_unique_all      ? 
_reflns_shell.pdbx_ordinal           1 
_reflns_shell.pdbx_diffrn_id         1 
# 
_refine.entry_id                                 1A2E 
_refine.ls_number_reflns_obs                     6983 
_refine.ls_number_reflns_all                     6983 
_refine.pdbx_ls_sigma_I                          ? 
_refine.pdbx_ls_sigma_F                          0.0 
_refine.pdbx_data_cutoff_high_absF               ? 
_refine.pdbx_data_cutoff_low_absF                ? 
_refine.pdbx_data_cutoff_high_rms_absF           ? 
_refine.ls_d_res_low                             20.0 
_refine.ls_d_res_high                            1.63 
_refine.ls_percent_reflns_obs                    93.1 
_refine.ls_R_factor_obs                          0.1692000 
_refine.ls_R_factor_all                          0.1692000 
_refine.ls_R_factor_R_work                       ? 
_refine.ls_R_factor_R_free                       ? 
_refine.ls_R_factor_R_free_error                 ? 
_refine.ls_R_factor_R_free_error_details         ? 
_refine.ls_percent_reflns_R_free                 ? 
_refine.ls_number_reflns_R_free                  ? 
_refine.ls_number_parameters                     2176 
_refine.ls_number_restraints                     2201 
_refine.occupancy_min                            ? 
_refine.occupancy_max                            ? 
_refine.B_iso_mean                               ? 
_refine.aniso_B[1][1]                            ? 
_refine.aniso_B[2][2]                            ? 
_refine.aniso_B[3][3]                            ? 
_refine.aniso_B[1][2]                            ? 
_refine.aniso_B[1][3]                            ? 
_refine.aniso_B[2][3]                            ? 
_refine.solvent_model_details                    'MOEWS & KRETSINGER, J.MOL.BIOL.91(1973)201-223' 
_refine.solvent_model_param_ksol                 ? 
_refine.solvent_model_param_bsol                 ? 
_refine.pdbx_ls_cross_valid_method               'FREE R' 
_refine.details                                  ? 
_refine.pdbx_starting_model                      ? 
_refine.pdbx_method_to_determine_struct          MAD 
_refine.pdbx_isotropic_thermal_model             ? 
_refine.pdbx_stereochemistry_target_values       NUCLSQ 
_refine.pdbx_stereochem_target_val_spec_case     ? 
_refine.pdbx_R_Free_selection_details            ? 
_refine.pdbx_overall_ESU_R                       ? 
_refine.pdbx_overall_ESU_R_Free                  ? 
_refine.overall_SU_ML                            ? 
_refine.overall_SU_B                             ? 
_refine.ls_redundancy_reflns_obs                 ? 
_refine.correlation_coeff_Fo_to_Fc               ? 
_refine.correlation_coeff_Fo_to_Fc_free          ? 
_refine.overall_SU_R_Cruickshank_DPI             ? 
_refine.overall_SU_R_free                        ? 
_refine.pdbx_refine_id                           'X-RAY DIFFRACTION' 
_refine.pdbx_diffrn_id                           1 
_refine.pdbx_TLS_residual_ADP_flag               ? 
_refine.pdbx_solvent_vdw_probe_radii             ? 
_refine.pdbx_solvent_ion_probe_radii             ? 
_refine.pdbx_solvent_shrinkage_radii             ? 
_refine.pdbx_overall_phase_error                 ? 
_refine.pdbx_overall_SU_R_free_Cruickshank_DPI   ? 
_refine.pdbx_overall_SU_R_Blow_DPI               ? 
_refine.pdbx_overall_SU_R_free_Blow_DPI          ? 
# 
_refine_analyze.entry_id                        1A2E 
_refine_analyze.Luzzati_coordinate_error_obs    ? 
_refine_analyze.Luzzati_sigma_a_obs             ? 
_refine_analyze.Luzzati_d_res_low_obs           ? 
_refine_analyze.Luzzati_coordinate_error_free   ? 
_refine_analyze.Luzzati_sigma_a_free            ? 
_refine_analyze.Luzzati_d_res_low_free          ? 
_refine_analyze.number_disordered_residues      ? 
_refine_analyze.occupancy_sum_hydrogen          479.67 
_refine_analyze.occupancy_sum_non_hydrogen      ? 
_refine_analyze.pdbx_refine_id                  'X-RAY DIFFRACTION' 
# 
_refine_hist.pdbx_refine_id                   'X-RAY DIFFRACTION' 
_refine_hist.cycle_id                         LAST 
_refine_hist.pdbx_number_atoms_protein        0 
_refine_hist.pdbx_number_atoms_nucleic_acid   404 
_refine_hist.pdbx_number_atoms_ligand         3 
_refine_hist.number_atoms_solvent             92 
_refine_hist.number_atoms_total               499 
_refine_hist.d_res_high                       1.63 
_refine_hist.d_res_low                        20.0 
# 
loop_
_refine_ls_restr.type 
_refine_ls_restr.dev_ideal 
_refine_ls_restr.dev_ideal_target 
_refine_ls_restr.weight 
_refine_ls_restr.number 
_refine_ls_restr.pdbx_refine_id 
_refine_ls_restr.pdbx_restraint_function 
s_bond_d               0.010 ? ? ? 'X-RAY DIFFRACTION' ? 
s_angle_d              0.031 ? ? ? 'X-RAY DIFFRACTION' ? 
s_similar_dist         ?     ? ? ? 'X-RAY DIFFRACTION' ? 
s_from_restr_planes    0.026 ? ? ? 'X-RAY DIFFRACTION' ? 
s_zero_chiral_vol      ?     ? ? ? 'X-RAY DIFFRACTION' ? 
s_non_zero_chiral_vol  0.062 ? ? ? 'X-RAY DIFFRACTION' ? 
s_anti_bump_dis_restr  0.009 ? ? ? 'X-RAY DIFFRACTION' ? 
s_rigid_bond_adp_cmpnt ?     ? ? ? 'X-RAY DIFFRACTION' ? 
s_similar_adp_cmpnt    0.098 ? ? ? 'X-RAY DIFFRACTION' ? 
s_approx_iso_adps      ?     ? ? ? 'X-RAY DIFFRACTION' ? 
# 
_pdbx_refine.entry_id                                    1A2E 
_pdbx_refine.R_factor_all_no_cutoff                      ? 
_pdbx_refine.R_factor_obs_no_cutoff                      0.1692000 
_pdbx_refine.free_R_factor_no_cutoff                     0.2032000 
_pdbx_refine.free_R_val_test_set_size_perc_no_cutoff     5.00 
_pdbx_refine.free_R_val_test_set_ct_no_cutoff            340 
_pdbx_refine.R_factor_all_4sig_cutoff                    ? 
_pdbx_refine.R_factor_obs_4sig_cutoff                    0.1673000 
_pdbx_refine.free_R_factor_4sig_cutoff                   0.2023000 
_pdbx_refine.free_R_val_test_set_size_perc_4sig_cutoff   5.00 
_pdbx_refine.free_R_val_test_set_ct_4sig_cutoff          334 
_pdbx_refine.number_reflns_obs_4sig_cutoff               6758 
_pdbx_refine.number_reflns_obs_no_cutoff                 ? 
_pdbx_refine.pdbx_refine_id                              'X-RAY DIFFRACTION' 
_pdbx_refine.free_R_error_no_cutoff                      ? 
# 
_struct.entry_id                  1A2E 
_struct.title                     
'CRYSTAL STRUCTURE OF A DOUBLE-STRANDED DNA DECAMER CONTAINING A CISPLATIN INTERSTRAND CROSS-LINK ADDUCT' 
_struct.pdbx_model_details        ? 
_struct.pdbx_CASP_flag            ? 
_struct.pdbx_model_type_details   ? 
# 
_struct_keywords.entry_id        1A2E 
_struct_keywords.pdbx_keywords   DNA 
_struct_keywords.text            'ANTITUMOR DRUG, CIS-DDP, INTERSTRAND CROSS-LINK, DNA' 
# 
loop_
_struct_asym.id 
_struct_asym.pdbx_blank_PDB_chainid_flag 
_struct_asym.pdbx_modified 
_struct_asym.entity_id 
_struct_asym.details 
A N N 1 ? 
B N N 2 ? 
C N N 3 ? 
D N N 4 ? 
E N N 4 ? 
# 
loop_
_struct_ref.id 
_struct_ref.entity_id 
_struct_ref.db_name 
_struct_ref.db_code 
_struct_ref.pdbx_db_accession 
_struct_ref.pdbx_db_isoform 
_struct_ref.pdbx_seq_one_letter_code 
_struct_ref.pdbx_align_begin 
1 1 PDB 1A2E 1A2E ? ? ? 
2 2 PDB 1A2E 1A2E ? ? ? 
# 
loop_
_struct_ref_seq.align_id 
_struct_ref_seq.ref_id 
_struct_ref_seq.pdbx_PDB_id_code 
_struct_ref_seq.pdbx_strand_id 
_struct_ref_seq.seq_align_beg 
_struct_ref_seq.pdbx_seq_align_beg_ins_code 
_struct_ref_seq.seq_align_end 
_struct_ref_seq.pdbx_seq_align_end_ins_code 
_struct_ref_seq.pdbx_db_accession 
_struct_ref_seq.db_align_beg 
_struct_ref_seq.pdbx_db_align_beg_ins_code 
_struct_ref_seq.db_align_end 
_struct_ref_seq.pdbx_db_align_end_ins_code 
_struct_ref_seq.pdbx_auth_seq_align_beg 
_struct_ref_seq.pdbx_auth_seq_align_end 
1 1 1A2E A 1 ? 10 ? 1A2E 1  ? 10 ? 1  10 
2 2 1A2E B 1 ? 10 ? 1A2E 11 ? 20 ? 11 20 
# 
_pdbx_struct_assembly.id                   1 
_pdbx_struct_assembly.details              author_defined_assembly 
_pdbx_struct_assembly.method_details       ? 
_pdbx_struct_assembly.oligomeric_details   dimeric 
_pdbx_struct_assembly.oligomeric_count     2 
# 
_pdbx_struct_assembly_gen.assembly_id       1 
_pdbx_struct_assembly_gen.oper_expression   1 
_pdbx_struct_assembly_gen.asym_id_list      A,B,C,D,E 
# 
_pdbx_struct_oper_list.id                   1 
_pdbx_struct_oper_list.type                 'identity operation' 
_pdbx_struct_oper_list.name                 1_555 
_pdbx_struct_oper_list.symmetry_operation   x,y,z 
_pdbx_struct_oper_list.matrix[1][1]         1.0000000000 
_pdbx_struct_oper_list.matrix[1][2]         0.0000000000 
_pdbx_struct_oper_list.matrix[1][3]         0.0000000000 
_pdbx_struct_oper_list.vector[1]            0.0000000000 
_pdbx_struct_oper_list.matrix[2][1]         0.0000000000 
_pdbx_struct_oper_list.matrix[2][2]         1.0000000000 
_pdbx_struct_oper_list.matrix[2][3]         0.0000000000 
_pdbx_struct_oper_list.vector[2]            0.0000000000 
_pdbx_struct_oper_list.matrix[3][1]         0.0000000000 
_pdbx_struct_oper_list.matrix[3][2]         0.0000000000 
_pdbx_struct_oper_list.matrix[3][3]         1.0000000000 
_pdbx_struct_oper_list.vector[3]            0.0000000000 
# 
_struct_biol.id                    1 
_struct_biol.pdbx_parent_biol_id   ? 
_struct_biol.details               ? 
# 
loop_
_struct_conn.id 
_struct_conn.conn_type_id 
_struct_conn.pdbx_leaving_atom_flag 
_struct_conn.pdbx_PDB_id 
_struct_conn.ptnr1_label_asym_id 
_struct_conn.ptnr1_label_comp_id 
_struct_conn.ptnr1_label_seq_id 
_struct_conn.ptnr1_label_atom_id 
_struct_conn.pdbx_ptnr1_label_alt_id 
_struct_conn.pdbx_ptnr1_PDB_ins_code 
_struct_conn.pdbx_ptnr1_standard_comp_id 
_struct_conn.ptnr1_symmetry 
_struct_conn.ptnr2_label_asym_id 
_struct_conn.ptnr2_label_comp_id 
_struct_conn.ptnr2_label_seq_id 
_struct_conn.ptnr2_label_atom_id 
_struct_conn.pdbx_ptnr2_label_alt_id 
_struct_conn.pdbx_ptnr2_PDB_ins_code 
_struct_conn.ptnr1_auth_asym_id 
_struct_conn.ptnr1_auth_comp_id 
_struct_conn.ptnr1_auth_seq_id 
_struct_conn.ptnr2_auth_asym_id 
_struct_conn.ptnr2_auth_comp_id 
_struct_conn.ptnr2_auth_seq_id 
_struct_conn.ptnr2_symmetry 
_struct_conn.pdbx_ptnr3_label_atom_id 
_struct_conn.pdbx_ptnr3_label_seq_id 
_struct_conn.pdbx_ptnr3_label_comp_id 
_struct_conn.pdbx_ptnr3_label_asym_id 
_struct_conn.pdbx_ptnr3_label_alt_id 
_struct_conn.pdbx_ptnr3_PDB_ins_code 
_struct_conn.details 
_struct_conn.pdbx_dist_value 
_struct_conn.pdbx_value_order 
_struct_conn.pdbx_role 
metalc1  metalc ? ? A DG  5  N7  ? ? ? 1_555 C CPT .  PT1 ? ? A DG  5   A CPT 101 1_555 ? ? ? ? ? ? ?            2.000 ? ? 
metalc2  metalc ? ? C CPT .  PT1 ? ? ? 1_555 B DG  5  N7  ? ? A CPT 101 B DG  15  1_555 ? ? ? ? ? ? ?            1.999 ? ? 
hydrog1  hydrog ? ? A DC  1  N3  ? ? ? 1_555 B DG  10 N1  ? ? A DC  1   B DG  20  1_555 ? ? ? ? ? ? WATSON-CRICK ?     ? ? 
hydrog2  hydrog ? ? A DC  1  N4  ? ? ? 1_555 B DG  10 O6  ? ? A DC  1   B DG  20  1_555 ? ? ? ? ? ? WATSON-CRICK ?     ? ? 
hydrog3  hydrog ? ? A DC  1  O2  ? ? ? 1_555 B DG  10 N2  ? ? A DC  1   B DG  20  1_555 ? ? ? ? ? ? WATSON-CRICK ?     ? ? 
hydrog4  hydrog ? ? A DC  2  N3  ? ? ? 1_555 B DG  9  N1  ? ? A DC  2   B DG  19  1_555 ? ? ? ? ? ? WATSON-CRICK ?     ? ? 
hydrog5  hydrog ? ? A DC  2  N4  ? ? ? 1_555 B DG  9  O6  ? ? A DC  2   B DG  19  1_555 ? ? ? ? ? ? WATSON-CRICK ?     ? ? 
hydrog6  hydrog ? ? A DC  2  O2  ? ? ? 1_555 B DG  9  N2  ? ? A DC  2   B DG  19  1_555 ? ? ? ? ? ? WATSON-CRICK ?     ? ? 
hydrog7  hydrog ? ? A DT  3  N3  ? ? ? 1_555 B DA  8  N1  ? ? A DT  3   B DA  18  1_555 ? ? ? ? ? ? WATSON-CRICK ?     ? ? 
hydrog8  hydrog ? ? A DT  3  O4  ? ? ? 1_555 B DA  8  N6  ? ? A DT  3   B DA  18  1_555 ? ? ? ? ? ? WATSON-CRICK ?     ? ? 
hydrog9  hydrog ? ? A DC  4  N3  ? ? ? 1_555 B DG  7  N1  ? ? A DC  4   B DG  17  1_555 ? ? ? ? ? ? WATSON-CRICK ?     ? ? 
hydrog10 hydrog ? ? A DC  4  N4  ? ? ? 1_555 B DG  7  O6  ? ? A DC  4   B DG  17  1_555 ? ? ? ? ? ? WATSON-CRICK ?     ? ? 
hydrog11 hydrog ? ? A DC  4  O2  ? ? ? 1_555 B DG  7  N2  ? ? A DC  4   B DG  17  1_555 ? ? ? ? ? ? WATSON-CRICK ?     ? ? 
hydrog12 hydrog ? ? A DT  7  N3  ? ? ? 1_555 B DA  4  N1  ? ? A DT  7   B DA  14  1_555 ? ? ? ? ? ? WATSON-CRICK ?     ? ? 
hydrog13 hydrog ? ? A DT  7  O4  ? ? ? 1_555 B DA  4  N6  ? ? A DT  7   B DA  14  1_555 ? ? ? ? ? ? WATSON-CRICK ?     ? ? 
hydrog14 hydrog ? ? A DC  8  N3  ? ? ? 1_555 B DG  3  N1  ? ? A DC  8   B DG  13  1_555 ? ? ? ? ? ? WATSON-CRICK ?     ? ? 
hydrog15 hydrog ? ? A DC  8  N4  ? ? ? 1_555 B DG  3  O6  ? ? A DC  8   B DG  13  1_555 ? ? ? ? ? ? WATSON-CRICK ?     ? ? 
hydrog16 hydrog ? ? A DC  8  O2  ? ? ? 1_555 B DG  3  N2  ? ? A DC  8   B DG  13  1_555 ? ? ? ? ? ? WATSON-CRICK ?     ? ? 
hydrog17 hydrog ? ? A DT  9  N3  ? ? ? 1_555 B DA  2  N1  ? ? A DT  9   B DA  12  1_555 ? ? ? ? ? ? WATSON-CRICK ?     ? ? 
hydrog18 hydrog ? ? A DT  9  O4  ? ? ? 1_555 B DA  2  N6  ? ? A DT  9   B DA  12  1_555 ? ? ? ? ? ? WATSON-CRICK ?     ? ? 
hydrog19 hydrog ? ? A DC  10 N3  ? ? ? 1_555 B DG  1  N1  ? ? A DC  10  B DG  11  1_555 ? ? ? ? ? ? WATSON-CRICK ?     ? ? 
hydrog20 hydrog ? ? A DC  10 N4  ? ? ? 1_555 B DG  1  O6  ? ? A DC  10  B DG  11  1_555 ? ? ? ? ? ? WATSON-CRICK ?     ? ? 
hydrog21 hydrog ? ? A DC  10 O2  ? ? ? 1_555 B DG  1  N2  ? ? A DC  10  B DG  11  1_555 ? ? ? ? ? ? WATSON-CRICK ?     ? ? 
# 
loop_
_struct_conn_type.id 
_struct_conn_type.criteria 
_struct_conn_type.reference 
metalc ? ? 
hydrog ? ? 
# 
loop_
_pdbx_struct_conn_angle.id 
_pdbx_struct_conn_angle.ptnr1_label_atom_id 
_pdbx_struct_conn_angle.ptnr1_label_alt_id 
_pdbx_struct_conn_angle.ptnr1_label_asym_id 
_pdbx_struct_conn_angle.ptnr1_label_comp_id 
_pdbx_struct_conn_angle.ptnr1_label_seq_id 
_pdbx_struct_conn_angle.ptnr1_auth_atom_id 
_pdbx_struct_conn_angle.ptnr1_auth_asym_id 
_pdbx_struct_conn_angle.ptnr1_auth_comp_id 
_pdbx_struct_conn_angle.ptnr1_auth_seq_id 
_pdbx_struct_conn_angle.ptnr1_PDB_ins_code 
_pdbx_struct_conn_angle.ptnr1_symmetry 
_pdbx_struct_conn_angle.ptnr2_label_atom_id 
_pdbx_struct_conn_angle.ptnr2_label_alt_id 
_pdbx_struct_conn_angle.ptnr2_label_asym_id 
_pdbx_struct_conn_angle.ptnr2_label_comp_id 
_pdbx_struct_conn_angle.ptnr2_label_seq_id 
_pdbx_struct_conn_angle.ptnr2_auth_atom_id 
_pdbx_struct_conn_angle.ptnr2_auth_asym_id 
_pdbx_struct_conn_angle.ptnr2_auth_comp_id 
_pdbx_struct_conn_angle.ptnr2_auth_seq_id 
_pdbx_struct_conn_angle.ptnr2_PDB_ins_code 
_pdbx_struct_conn_angle.ptnr2_symmetry 
_pdbx_struct_conn_angle.ptnr3_label_atom_id 
_pdbx_struct_conn_angle.ptnr3_label_alt_id 
_pdbx_struct_conn_angle.ptnr3_label_asym_id 
_pdbx_struct_conn_angle.ptnr3_label_comp_id 
_pdbx_struct_conn_angle.ptnr3_label_seq_id 
_pdbx_struct_conn_angle.ptnr3_auth_atom_id 
_pdbx_struct_conn_angle.ptnr3_auth_asym_id 
_pdbx_struct_conn_angle.ptnr3_auth_comp_id 
_pdbx_struct_conn_angle.ptnr3_auth_seq_id 
_pdbx_struct_conn_angle.ptnr3_PDB_ins_code 
_pdbx_struct_conn_angle.ptnr3_symmetry 
_pdbx_struct_conn_angle.value 
_pdbx_struct_conn_angle.value_esd 
1 N7 ? A DG  5 ? A DG  5   ? 1_555 PT1 ? C CPT . ? A CPT 101 ? 1_555 N1 ? C CPT . ? A CPT 101 ? 1_555 90.8  ? 
2 N7 ? A DG  5 ? A DG  5   ? 1_555 PT1 ? C CPT . ? A CPT 101 ? 1_555 N2 ? C CPT . ? A CPT 101 ? 1_555 179.7 ? 
3 N1 ? C CPT . ? A CPT 101 ? 1_555 PT1 ? C CPT . ? A CPT 101 ? 1_555 N2 ? C CPT . ? A CPT 101 ? 1_555 89.0  ? 
4 N7 ? A DG  5 ? A DG  5   ? 1_555 PT1 ? C CPT . ? A CPT 101 ? 1_555 N7 ? B DG  5 ? B DG  15  ? 1_555 86.8  ? 
5 N1 ? C CPT . ? A CPT 101 ? 1_555 PT1 ? C CPT . ? A CPT 101 ? 1_555 N7 ? B DG  5 ? B DG  15  ? 1_555 177.6 ? 
6 N2 ? C CPT . ? A CPT 101 ? 1_555 PT1 ? C CPT . ? A CPT 101 ? 1_555 N7 ? B DG  5 ? B DG  15  ? 1_555 93.4  ? 
# 
loop_
_struct_site.id 
_struct_site.pdbx_evidence_code 
_struct_site.pdbx_auth_asym_id 
_struct_site.pdbx_auth_comp_id 
_struct_site.pdbx_auth_seq_id 
_struct_site.pdbx_auth_ins_code 
_struct_site.pdbx_num_residues 
_struct_site.details 
AC1 Software A CPT 101 ? 8 'BINDING SITE FOR RESIDUE CPT A 101' 
1   ?        ? ?   ?   ? ? ?                                    
# 
loop_
_struct_site_gen.id 
_struct_site_gen.site_id 
_struct_site_gen.pdbx_num_res 
_struct_site_gen.label_comp_id 
_struct_site_gen.label_asym_id 
_struct_site_gen.label_seq_id 
_struct_site_gen.pdbx_auth_ins_code 
_struct_site_gen.auth_comp_id 
_struct_site_gen.auth_asym_id 
_struct_site_gen.auth_seq_id 
_struct_site_gen.label_atom_id 
_struct_site_gen.label_alt_id 
_struct_site_gen.symmetry 
_struct_site_gen.details 
1 AC1 8 DG  A 5 ? DG  A 5   . ? 1_555 ? 
2 AC1 8 DT  A 7 ? DT  A 7   . ? 1_555 ? 
3 AC1 8 DC  A 8 ? DC  A 8   . ? 1_555 ? 
4 AC1 8 HOH D . ? HOH A 106 . ? 1_555 ? 
5 AC1 8 HOH D . ? HOH A 135 . ? 1_555 ? 
6 AC1 8 DG  B 5 ? DG  B 15  . ? 1_555 ? 
7 AC1 8 DG  B 7 ? DG  B 17  . ? 1_555 ? 
8 AC1 8 HOH E . ? HOH B 25  . ? 1_555 ? 
# 
loop_
_pdbx_validate_rmsd_bond.id 
_pdbx_validate_rmsd_bond.PDB_model_num 
_pdbx_validate_rmsd_bond.auth_atom_id_1 
_pdbx_validate_rmsd_bond.auth_asym_id_1 
_pdbx_validate_rmsd_bond.auth_comp_id_1 
_pdbx_validate_rmsd_bond.auth_seq_id_1 
_pdbx_validate_rmsd_bond.PDB_ins_code_1 
_pdbx_validate_rmsd_bond.label_alt_id_1 
_pdbx_validate_rmsd_bond.auth_atom_id_2 
_pdbx_validate_rmsd_bond.auth_asym_id_2 
_pdbx_validate_rmsd_bond.auth_comp_id_2 
_pdbx_validate_rmsd_bond.auth_seq_id_2 
_pdbx_validate_rmsd_bond.PDB_ins_code_2 
_pdbx_validate_rmsd_bond.label_alt_id_2 
_pdbx_validate_rmsd_bond.bond_value 
_pdbx_validate_rmsd_bond.bond_target_value 
_pdbx_validate_rmsd_bond.bond_deviation 
_pdbx_validate_rmsd_bond.bond_standard_deviation 
_pdbx_validate_rmsd_bond.linker_flag 
1 1 "O4'" B DA 14 ? ? "C1'" B DA 14 ? ? 1.489 1.420 0.069 0.011 N 
2 1 "O4'" B DG 17 ? ? "C1'" B DG 17 ? ? 1.497 1.420 0.077 0.011 N 
# 
loop_
_pdbx_validate_rmsd_angle.id 
_pdbx_validate_rmsd_angle.PDB_model_num 
_pdbx_validate_rmsd_angle.auth_atom_id_1 
_pdbx_validate_rmsd_angle.auth_asym_id_1 
_pdbx_validate_rmsd_angle.auth_comp_id_1 
_pdbx_validate_rmsd_angle.auth_seq_id_1 
_pdbx_validate_rmsd_angle.PDB_ins_code_1 
_pdbx_validate_rmsd_angle.label_alt_id_1 
_pdbx_validate_rmsd_angle.auth_atom_id_2 
_pdbx_validate_rmsd_angle.auth_asym_id_2 
_pdbx_validate_rmsd_angle.auth_comp_id_2 
_pdbx_validate_rmsd_angle.auth_seq_id_2 
_pdbx_validate_rmsd_angle.PDB_ins_code_2 
_pdbx_validate_rmsd_angle.label_alt_id_2 
_pdbx_validate_rmsd_angle.auth_atom_id_3 
_pdbx_validate_rmsd_angle.auth_asym_id_3 
_pdbx_validate_rmsd_angle.auth_comp_id_3 
_pdbx_validate_rmsd_angle.auth_seq_id_3 
_pdbx_validate_rmsd_angle.PDB_ins_code_3 
_pdbx_validate_rmsd_angle.label_alt_id_3 
_pdbx_validate_rmsd_angle.angle_value 
_pdbx_validate_rmsd_angle.angle_target_value 
_pdbx_validate_rmsd_angle.angle_deviation 
_pdbx_validate_rmsd_angle.angle_standard_deviation 
_pdbx_validate_rmsd_angle.linker_flag 
1  1 "O4'" A DC 1  ? ? "C4'" A DC 1  ? ? "C3'" A DC 1  ? ? 101.43 104.50 -3.07 0.40 N 
2  1 "O4'" A DC 2  ? ? "C4'" A DC 2  ? ? "C3'" A DC 2  ? ? 101.48 104.50 -3.02 0.40 N 
3  1 C5    A DC 2  ? ? C6    A DC 2  ? ? N1    A DC 2  ? ? 117.11 121.00 -3.89 0.50 N 
4  1 "O4'" A DT 3  ? ? "C4'" A DT 3  ? ? "C3'" A DT 3  ? ? 101.98 104.50 -2.52 0.40 N 
5  1 "O5'" A DC 4  ? ? "C5'" A DC 4  ? ? "C4'" A DC 4  ? ? 102.87 109.40 -6.53 0.80 N 
6  1 "O4'" A DC 4  ? ? "C1'" A DC 4  ? ? N1    A DC 4  ? ? 110.17 108.30 1.87  0.30 N 
7  1 "C3'" A DG 5  ? ? "O3'" A DG 5  ? ? P     A DC 6  ? ? 127.43 119.70 7.73  1.20 Y 
8  1 "O4'" A DC 6  ? ? "C1'" A DC 6  ? ? N1    A DC 6  ? ? 101.33 108.00 -6.67 0.70 N 
9  1 "C3'" A DC 6  ? ? "O3'" A DC 6  ? ? P     A DT 7  ? ? 129.81 119.70 10.11 1.20 Y 
10 1 "O5'" A DT 7  ? ? "C5'" A DT 7  ? ? "C4'" A DT 7  ? ? 104.21 109.40 -5.19 0.80 N 
11 1 "O4'" A DC 8  ? ? "C1'" A DC 8  ? ? N1    A DC 8  ? ? 101.94 108.00 -6.06 0.70 N 
12 1 "O4'" A DT 9  ? ? "C4'" A DT 9  ? ? "C3'" A DT 9  ? ? 101.43 104.50 -3.07 0.40 N 
13 1 "O4'" A DC 10 ? ? "C4'" A DC 10 ? ? "C3'" A DC 10 ? ? 99.79  104.50 -4.71 0.40 N 
14 1 "O5'" B DG 11 ? ? "C5'" B DG 11 ? ? "C4'" B DG 11 ? ? 103.46 109.40 -5.94 0.80 N 
15 1 "O4'" B DG 11 ? ? "C4'" B DG 11 ? ? "C3'" B DG 11 ? ? 101.69 104.50 -2.81 0.40 N 
16 1 N1    B DG 11 ? ? C6    B DG 11 ? ? O6    B DG 11 ? ? 115.88 119.90 -4.02 0.60 N 
17 1 "O5'" B DA 12 ? ? "C5'" B DA 12 ? ? "C4'" B DA 12 ? ? 100.84 109.40 -8.56 0.80 N 
18 1 "O4'" B DA 12 ? ? "C1'" B DA 12 ? ? N9    B DA 12 ? ? 112.75 108.30 4.45  0.30 N 
19 1 "C3'" B DA 12 ? ? "O3'" B DA 12 ? ? P     B DG 13 ? ? 135.48 119.70 15.78 1.20 Y 
20 1 N1    B DG 13 ? ? C6    B DG 13 ? ? O6    B DG 13 ? ? 124.23 119.90 4.33  0.60 N 
21 1 "O5'" B DA 14 ? ? "C5'" B DA 14 ? ? "C4'" B DA 14 ? ? 104.05 109.40 -5.35 0.80 N 
22 1 "O4'" B DG 15 ? ? "C4'" B DG 15 ? ? "C3'" B DG 15 ? ? 101.67 104.50 -2.83 0.40 N 
23 1 "O4'" B DG 15 ? ? "C1'" B DG 15 ? ? N9    B DG 15 ? ? 111.45 108.30 3.15  0.30 N 
24 1 "O5'" B DC 16 ? ? "C5'" B DC 16 ? ? "C4'" B DC 16 ? ? 103.28 109.40 -6.12 0.80 N 
25 1 "O4'" B DG 17 ? ? "C4'" B DG 17 ? ? "C3'" B DG 17 ? ? 101.66 104.50 -2.84 0.40 N 
26 1 "O4'" B DG 17 ? ? "C1'" B DG 17 ? ? N9    B DG 17 ? ? 101.91 108.00 -6.09 0.70 N 
27 1 "C3'" B DG 17 ? ? "O3'" B DG 17 ? ? P     B DA 18 ? ? 126.94 119.70 7.24  1.20 Y 
28 1 "O5'" B DA 18 ? ? "C5'" B DA 18 ? ? "C4'" B DA 18 ? ? 104.53 109.40 -4.87 0.80 N 
29 1 "O4'" B DA 18 ? ? "C1'" B DA 18 ? ? "C2'" B DA 18 ? ? 101.08 105.90 -4.82 0.80 N 
30 1 "O4'" B DA 18 ? ? "C1'" B DA 18 ? ? N9    B DA 18 ? ? 114.04 108.30 5.74  0.30 N 
31 1 "O4'" B DG 19 ? ? "C4'" B DG 19 ? ? "C3'" B DG 19 ? ? 101.92 104.50 -2.58 0.40 N 
32 1 "O5'" B DG 20 ? ? "C5'" B DG 20 ? ? "C4'" B DG 20 ? ? 104.18 109.40 -5.22 0.80 N 
# 
_struct_site_keywords.site_id   1 
_struct_site_keywords.text      'COVALENT PT-N BONDS' 
# 
loop_
_chem_comp_atom.comp_id 
_chem_comp_atom.atom_id 
_chem_comp_atom.type_symbol 
_chem_comp_atom.pdbx_aromatic_flag 
_chem_comp_atom.pdbx_stereo_config 
_chem_comp_atom.pdbx_ordinal 
CPT PT1    PT N N 1   
CPT N1     N  N N 2   
CPT N2     N  N N 3   
CPT H11    H  N N 4   
CPT H12    H  N N 5   
CPT H21    H  N N 6   
CPT H22    H  N N 7   
CPT CL2    CL N N 8   
CPT CL1    CL N N 9   
CPT H13    H  N N 10  
CPT H23    H  N N 11  
DA  OP3    O  N N 12  
DA  P      P  N N 13  
DA  OP1    O  N N 14  
DA  OP2    O  N N 15  
DA  "O5'"  O  N N 16  
DA  "C5'"  C  N N 17  
DA  "C4'"  C  N R 18  
DA  "O4'"  O  N N 19  
DA  "C3'"  C  N S 20  
DA  "O3'"  O  N N 21  
DA  "C2'"  C  N N 22  
DA  "C1'"  C  N R 23  
DA  N9     N  Y N 24  
DA  C8     C  Y N 25  
DA  N7     N  Y N 26  
DA  C5     C  Y N 27  
DA  C6     C  Y N 28  
DA  N6     N  N N 29  
DA  N1     N  Y N 30  
DA  C2     C  Y N 31  
DA  N3     N  Y N 32  
DA  C4     C  Y N 33  
DA  HOP3   H  N N 34  
DA  HOP2   H  N N 35  
DA  "H5'"  H  N N 36  
DA  "H5''" H  N N 37  
DA  "H4'"  H  N N 38  
DA  "H3'"  H  N N 39  
DA  "HO3'" H  N N 40  
DA  "H2'"  H  N N 41  
DA  "H2''" H  N N 42  
DA  "H1'"  H  N N 43  
DA  H8     H  N N 44  
DA  H61    H  N N 45  
DA  H62    H  N N 46  
DA  H2     H  N N 47  
DC  OP3    O  N N 48  
DC  P      P  N N 49  
DC  OP1    O  N N 50  
DC  OP2    O  N N 51  
DC  "O5'"  O  N N 52  
DC  "C5'"  C  N N 53  
DC  "C4'"  C  N R 54  
DC  "O4'"  O  N N 55  
DC  "C3'"  C  N S 56  
DC  "O3'"  O  N N 57  
DC  "C2'"  C  N N 58  
DC  "C1'"  C  N R 59  
DC  N1     N  N N 60  
DC  C2     C  N N 61  
DC  O2     O  N N 62  
DC  N3     N  N N 63  
DC  C4     C  N N 64  
DC  N4     N  N N 65  
DC  C5     C  N N 66  
DC  C6     C  N N 67  
DC  HOP3   H  N N 68  
DC  HOP2   H  N N 69  
DC  "H5'"  H  N N 70  
DC  "H5''" H  N N 71  
DC  "H4'"  H  N N 72  
DC  "H3'"  H  N N 73  
DC  "HO3'" H  N N 74  
DC  "H2'"  H  N N 75  
DC  "H2''" H  N N 76  
DC  "H1'"  H  N N 77  
DC  H41    H  N N 78  
DC  H42    H  N N 79  
DC  H5     H  N N 80  
DC  H6     H  N N 81  
DG  OP3    O  N N 82  
DG  P      P  N N 83  
DG  OP1    O  N N 84  
DG  OP2    O  N N 85  
DG  "O5'"  O  N N 86  
DG  "C5'"  C  N N 87  
DG  "C4'"  C  N R 88  
DG  "O4'"  O  N N 89  
DG  "C3'"  C  N S 90  
DG  "O3'"  O  N N 91  
DG  "C2'"  C  N N 92  
DG  "C1'"  C  N R 93  
DG  N9     N  Y N 94  
DG  C8     C  Y N 95  
DG  N7     N  Y N 96  
DG  C5     C  Y N 97  
DG  C6     C  N N 98  
DG  O6     O  N N 99  
DG  N1     N  N N 100 
DG  C2     C  N N 101 
DG  N2     N  N N 102 
DG  N3     N  N N 103 
DG  C4     C  Y N 104 
DG  HOP3   H  N N 105 
DG  HOP2   H  N N 106 
DG  "H5'"  H  N N 107 
DG  "H5''" H  N N 108 
DG  "H4'"  H  N N 109 
DG  "H3'"  H  N N 110 
DG  "HO3'" H  N N 111 
DG  "H2'"  H  N N 112 
DG  "H2''" H  N N 113 
DG  "H1'"  H  N N 114 
DG  H8     H  N N 115 
DG  H1     H  N N 116 
DG  H21    H  N N 117 
DG  H22    H  N N 118 
DT  OP3    O  N N 119 
DT  P      P  N N 120 
DT  OP1    O  N N 121 
DT  OP2    O  N N 122 
DT  "O5'"  O  N N 123 
DT  "C5'"  C  N N 124 
DT  "C4'"  C  N R 125 
DT  "O4'"  O  N N 126 
DT  "C3'"  C  N S 127 
DT  "O3'"  O  N N 128 
DT  "C2'"  C  N N 129 
DT  "C1'"  C  N R 130 
DT  N1     N  N N 131 
DT  C2     C  N N 132 
DT  O2     O  N N 133 
DT  N3     N  N N 134 
DT  C4     C  N N 135 
DT  O4     O  N N 136 
DT  C5     C  N N 137 
DT  C7     C  N N 138 
DT  C6     C  N N 139 
DT  HOP3   H  N N 140 
DT  HOP2   H  N N 141 
DT  "H5'"  H  N N 142 
DT  "H5''" H  N N 143 
DT  "H4'"  H  N N 144 
DT  "H3'"  H  N N 145 
DT  "HO3'" H  N N 146 
DT  "H2'"  H  N N 147 
DT  "H2''" H  N N 148 
DT  "H1'"  H  N N 149 
DT  H3     H  N N 150 
DT  H71    H  N N 151 
DT  H72    H  N N 152 
DT  H73    H  N N 153 
DT  H6     H  N N 154 
HOH O      O  N N 155 
HOH H1     H  N N 156 
HOH H2     H  N N 157 
# 
loop_
_chem_comp_bond.comp_id 
_chem_comp_bond.atom_id_1 
_chem_comp_bond.atom_id_2 
_chem_comp_bond.value_order 
_chem_comp_bond.pdbx_aromatic_flag 
_chem_comp_bond.pdbx_stereo_config 
_chem_comp_bond.pdbx_ordinal 
CPT PT1   N1     sing N N 1   
CPT PT1   N2     sing N N 2   
CPT N1    H11    sing N N 3   
CPT N1    H12    sing N N 4   
CPT N1    H13    sing N N 5   
CPT N2    H21    sing N N 6   
CPT N2    H22    sing N N 7   
CPT N2    H23    sing N N 8   
CPT CL2   PT1    sing N N 9   
CPT CL1   PT1    sing N N 10  
DA  OP3   P      sing N N 11  
DA  OP3   HOP3   sing N N 12  
DA  P     OP1    doub N N 13  
DA  P     OP2    sing N N 14  
DA  P     "O5'"  sing N N 15  
DA  OP2   HOP2   sing N N 16  
DA  "O5'" "C5'"  sing N N 17  
DA  "C5'" "C4'"  sing N N 18  
DA  "C5'" "H5'"  sing N N 19  
DA  "C5'" "H5''" sing N N 20  
DA  "C4'" "O4'"  sing N N 21  
DA  "C4'" "C3'"  sing N N 22  
DA  "C4'" "H4'"  sing N N 23  
DA  "O4'" "C1'"  sing N N 24  
DA  "C3'" "O3'"  sing N N 25  
DA  "C3'" "C2'"  sing N N 26  
DA  "C3'" "H3'"  sing N N 27  
DA  "O3'" "HO3'" sing N N 28  
DA  "C2'" "C1'"  sing N N 29  
DA  "C2'" "H2'"  sing N N 30  
DA  "C2'" "H2''" sing N N 31  
DA  "C1'" N9     sing N N 32  
DA  "C1'" "H1'"  sing N N 33  
DA  N9    C8     sing Y N 34  
DA  N9    C4     sing Y N 35  
DA  C8    N7     doub Y N 36  
DA  C8    H8     sing N N 37  
DA  N7    C5     sing Y N 38  
DA  C5    C6     sing Y N 39  
DA  C5    C4     doub Y N 40  
DA  C6    N6     sing N N 41  
DA  C6    N1     doub Y N 42  
DA  N6    H61    sing N N 43  
DA  N6    H62    sing N N 44  
DA  N1    C2     sing Y N 45  
DA  C2    N3     doub Y N 46  
DA  C2    H2     sing N N 47  
DA  N3    C4     sing Y N 48  
DC  OP3   P      sing N N 49  
DC  OP3   HOP3   sing N N 50  
DC  P     OP1    doub N N 51  
DC  P     OP2    sing N N 52  
DC  P     "O5'"  sing N N 53  
DC  OP2   HOP2   sing N N 54  
DC  "O5'" "C5'"  sing N N 55  
DC  "C5'" "C4'"  sing N N 56  
DC  "C5'" "H5'"  sing N N 57  
DC  "C5'" "H5''" sing N N 58  
DC  "C4'" "O4'"  sing N N 59  
DC  "C4'" "C3'"  sing N N 60  
DC  "C4'" "H4'"  sing N N 61  
DC  "O4'" "C1'"  sing N N 62  
DC  "C3'" "O3'"  sing N N 63  
DC  "C3'" "C2'"  sing N N 64  
DC  "C3'" "H3'"  sing N N 65  
DC  "O3'" "HO3'" sing N N 66  
DC  "C2'" "C1'"  sing N N 67  
DC  "C2'" "H2'"  sing N N 68  
DC  "C2'" "H2''" sing N N 69  
DC  "C1'" N1     sing N N 70  
DC  "C1'" "H1'"  sing N N 71  
DC  N1    C2     sing N N 72  
DC  N1    C6     sing N N 73  
DC  C2    O2     doub N N 74  
DC  C2    N3     sing N N 75  
DC  N3    C4     doub N N 76  
DC  C4    N4     sing N N 77  
DC  C4    C5     sing N N 78  
DC  N4    H41    sing N N 79  
DC  N4    H42    sing N N 80  
DC  C5    C6     doub N N 81  
DC  C5    H5     sing N N 82  
DC  C6    H6     sing N N 83  
DG  OP3   P      sing N N 84  
DG  OP3   HOP3   sing N N 85  
DG  P     OP1    doub N N 86  
DG  P     OP2    sing N N 87  
DG  P     "O5'"  sing N N 88  
DG  OP2   HOP2   sing N N 89  
DG  "O5'" "C5'"  sing N N 90  
DG  "C5'" "C4'"  sing N N 91  
DG  "C5'" "H5'"  sing N N 92  
DG  "C5'" "H5''" sing N N 93  
DG  "C4'" "O4'"  sing N N 94  
DG  "C4'" "C3'"  sing N N 95  
DG  "C4'" "H4'"  sing N N 96  
DG  "O4'" "C1'"  sing N N 97  
DG  "C3'" "O3'"  sing N N 98  
DG  "C3'" "C2'"  sing N N 99  
DG  "C3'" "H3'"  sing N N 100 
DG  "O3'" "HO3'" sing N N 101 
DG  "C2'" "C1'"  sing N N 102 
DG  "C2'" "H2'"  sing N N 103 
DG  "C2'" "H2''" sing N N 104 
DG  "C1'" N9     sing N N 105 
DG  "C1'" "H1'"  sing N N 106 
DG  N9    C8     sing Y N 107 
DG  N9    C4     sing Y N 108 
DG  C8    N7     doub Y N 109 
DG  C8    H8     sing N N 110 
DG  N7    C5     sing Y N 111 
DG  C5    C6     sing N N 112 
DG  C5    C4     doub Y N 113 
DG  C6    O6     doub N N 114 
DG  C6    N1     sing N N 115 
DG  N1    C2     sing N N 116 
DG  N1    H1     sing N N 117 
DG  C2    N2     sing N N 118 
DG  C2    N3     doub N N 119 
DG  N2    H21    sing N N 120 
DG  N2    H22    sing N N 121 
DG  N3    C4     sing N N 122 
DT  OP3   P      sing N N 123 
DT  OP3   HOP3   sing N N 124 
DT  P     OP1    doub N N 125 
DT  P     OP2    sing N N 126 
DT  P     "O5'"  sing N N 127 
DT  OP2   HOP2   sing N N 128 
DT  "O5'" "C5'"  sing N N 129 
DT  "C5'" "C4'"  sing N N 130 
DT  "C5'" "H5'"  sing N N 131 
DT  "C5'" "H5''" sing N N 132 
DT  "C4'" "O4'"  sing N N 133 
DT  "C4'" "C3'"  sing N N 134 
DT  "C4'" "H4'"  sing N N 135 
DT  "O4'" "C1'"  sing N N 136 
DT  "C3'" "O3'"  sing N N 137 
DT  "C3'" "C2'"  sing N N 138 
DT  "C3'" "H3'"  sing N N 139 
DT  "O3'" "HO3'" sing N N 140 
DT  "C2'" "C1'"  sing N N 141 
DT  "C2'" "H2'"  sing N N 142 
DT  "C2'" "H2''" sing N N 143 
DT  "C1'" N1     sing N N 144 
DT  "C1'" "H1'"  sing N N 145 
DT  N1    C2     sing N N 146 
DT  N1    C6     sing N N 147 
DT  C2    O2     doub N N 148 
DT  C2    N3     sing N N 149 
DT  N3    C4     sing N N 150 
DT  N3    H3     sing N N 151 
DT  C4    O4     doub N N 152 
DT  C4    C5     sing N N 153 
DT  C5    C7     sing N N 154 
DT  C5    C6     doub N N 155 
DT  C7    H71    sing N N 156 
DT  C7    H72    sing N N 157 
DT  C7    H73    sing N N 158 
DT  C6    H6     sing N N 159 
HOH O     H1     sing N N 160 
HOH O     H2     sing N N 161 
# 
loop_
_ndb_struct_conf_na.entry_id 
_ndb_struct_conf_na.feature 
1A2E 'double helix'        
1A2E 'b-form double helix' 
1A2E 'internal loop'       
# 
loop_
_ndb_struct_na_base_pair.model_number 
_ndb_struct_na_base_pair.i_label_asym_id 
_ndb_struct_na_base_pair.i_label_comp_id 
_ndb_struct_na_base_pair.i_label_seq_id 
_ndb_struct_na_base_pair.i_symmetry 
_ndb_struct_na_base_pair.j_label_asym_id 
_ndb_struct_na_base_pair.j_label_comp_id 
_ndb_struct_na_base_pair.j_label_seq_id 
_ndb_struct_na_base_pair.j_symmetry 
_ndb_struct_na_base_pair.shear 
_ndb_struct_na_base_pair.stretch 
_ndb_struct_na_base_pair.stagger 
_ndb_struct_na_base_pair.buckle 
_ndb_struct_na_base_pair.propeller 
_ndb_struct_na_base_pair.opening 
_ndb_struct_na_base_pair.pair_number 
_ndb_struct_na_base_pair.pair_name 
_ndb_struct_na_base_pair.i_auth_asym_id 
_ndb_struct_na_base_pair.i_auth_seq_id 
_ndb_struct_na_base_pair.i_PDB_ins_code 
_ndb_struct_na_base_pair.j_auth_asym_id 
_ndb_struct_na_base_pair.j_auth_seq_id 
_ndb_struct_na_base_pair.j_PDB_ins_code 
_ndb_struct_na_base_pair.hbond_type_28 
_ndb_struct_na_base_pair.hbond_type_12 
1 A DC 1  1_555 B DG 10 1_555 0.293  -0.153 0.205  -8.313  -10.795 -0.174 1 A_DC1:DG20_B  A 1  ? B 20 ? 19 1 
1 A DC 2  1_555 B DG 9  1_555 0.161  -0.015 0.339  -5.484  -7.806  -0.270 2 A_DC2:DG19_B  A 2  ? B 19 ? 19 1 
1 A DT 3  1_555 B DA 8  1_555 -0.248 -0.049 -0.117 -2.121  -5.868  4.536  3 A_DT3:DA18_B  A 3  ? B 18 ? 20 1 
1 A DC 4  1_555 B DG 7  1_555 0.258  -0.067 -0.421 15.321  0.077   -4.090 4 A_DC4:DG17_B  A 4  ? B 17 ? 19 1 
1 A DT 7  1_555 B DA 4  1_555 -0.063 -0.009 0.084  -9.662  -8.608  2.523  5 A_DT7:DA14_B  A 7  ? B 14 ? 20 1 
1 A DC 8  1_555 B DG 3  1_555 0.315  -0.187 0.045  -8.926  -9.275  -0.264 6 A_DC8:DG13_B  A 8  ? B 13 ? 19 1 
1 A DT 9  1_555 B DA 2  1_555 -0.152 -0.092 -0.004 -10.837 -7.204  -2.005 7 A_DT9:DA12_B  A 9  ? B 12 ? 20 1 
1 A DC 10 1_555 B DG 1  1_555 0.187  -0.159 -0.238 -0.156  -5.033  -2.469 8 A_DC10:DG11_B A 10 ? B 11 ? 19 1 
# 
loop_
_ndb_struct_na_base_pair_step.model_number 
_ndb_struct_na_base_pair_step.i_label_asym_id_1 
_ndb_struct_na_base_pair_step.i_label_comp_id_1 
_ndb_struct_na_base_pair_step.i_label_seq_id_1 
_ndb_struct_na_base_pair_step.i_symmetry_1 
_ndb_struct_na_base_pair_step.j_label_asym_id_1 
_ndb_struct_na_base_pair_step.j_label_comp_id_1 
_ndb_struct_na_base_pair_step.j_label_seq_id_1 
_ndb_struct_na_base_pair_step.j_symmetry_1 
_ndb_struct_na_base_pair_step.i_label_asym_id_2 
_ndb_struct_na_base_pair_step.i_label_comp_id_2 
_ndb_struct_na_base_pair_step.i_label_seq_id_2 
_ndb_struct_na_base_pair_step.i_symmetry_2 
_ndb_struct_na_base_pair_step.j_label_asym_id_2 
_ndb_struct_na_base_pair_step.j_label_comp_id_2 
_ndb_struct_na_base_pair_step.j_label_seq_id_2 
_ndb_struct_na_base_pair_step.j_symmetry_2 
_ndb_struct_na_base_pair_step.shift 
_ndb_struct_na_base_pair_step.slide 
_ndb_struct_na_base_pair_step.rise 
_ndb_struct_na_base_pair_step.tilt 
_ndb_struct_na_base_pair_step.roll 
_ndb_struct_na_base_pair_step.twist 
_ndb_struct_na_base_pair_step.x_displacement 
_ndb_struct_na_base_pair_step.y_displacement 
_ndb_struct_na_base_pair_step.helical_rise 
_ndb_struct_na_base_pair_step.inclination 
_ndb_struct_na_base_pair_step.tip 
_ndb_struct_na_base_pair_step.helical_twist 
_ndb_struct_na_base_pair_step.step_number 
_ndb_struct_na_base_pair_step.step_name 
_ndb_struct_na_base_pair_step.i_auth_asym_id_1 
_ndb_struct_na_base_pair_step.i_auth_seq_id_1 
_ndb_struct_na_base_pair_step.i_PDB_ins_code_1 
_ndb_struct_na_base_pair_step.j_auth_asym_id_1 
_ndb_struct_na_base_pair_step.j_auth_seq_id_1 
_ndb_struct_na_base_pair_step.j_PDB_ins_code_1 
_ndb_struct_na_base_pair_step.i_auth_asym_id_2 
_ndb_struct_na_base_pair_step.i_auth_seq_id_2 
_ndb_struct_na_base_pair_step.i_PDB_ins_code_2 
_ndb_struct_na_base_pair_step.j_auth_asym_id_2 
_ndb_struct_na_base_pair_step.j_auth_seq_id_2 
_ndb_struct_na_base_pair_step.j_PDB_ins_code_2 
1 A DC 1 1_555 B DG 10 1_555 A DC 2  1_555 B DG 9 1_555 0.642  -1.340 3.309 0.711  1.557  36.328 -2.365 -0.930 3.262 2.496  -1.139 
36.367 1 AA_DC1DC2:DG19DG20_BB  A 1 ? B 20 ? A 2  ? B 19 ? 
1 A DC 2 1_555 B DG 9  1_555 A DT 3  1_555 B DA 8 1_555 -1.371 -1.032 3.360 4.516  1.573  20.506 -3.468 5.598  2.907 4.342  
-12.469 21.050 2 AA_DC2DT3:DA18DG19_BB  A 2 ? B 19 ? A 3  ? B 18 ? 
1 A DT 3 1_555 B DA 8  1_555 A DC 4  1_555 B DG 7 1_555 -0.759 0.733  3.089 6.166  15.194 23.197 -1.972 2.958  2.762 33.011 
-13.398 28.342 3 AA_DT3DC4:DG17DA18_BB  A 3 ? B 18 ? A 4  ? B 17 ? 
1 A DT 7 1_555 B DA 4  1_555 A DC 8  1_555 B DG 3 1_555 -0.388 -0.061 3.220 -0.455 0.802  38.001 -0.195 0.539  3.223 1.231  0.699 
38.012 4 AA_DT7DC8:DG13DA14_BB  A 7 ? B 14 ? A 8  ? B 13 ? 
1 A DC 8 1_555 B DG 3  1_555 A DT 9  1_555 B DA 2 1_555 0.988  0.040  3.250 4.930  2.887  34.678 -0.372 -0.889 3.347 4.803  -8.202 
35.131 5 AA_DC8DT9:DA12DG13_BB  A 8 ? B 13 ? A 9  ? B 12 ? 
1 A DT 9 1_555 B DA 2  1_555 A DC 10 1_555 B DG 1 1_555 -0.020 -0.041 3.062 2.652  0.780  29.843 -0.230 0.551  3.047 1.510  -5.136 
29.968 6 AA_DT9DC10:DG11DA12_BB A 9 ? B 12 ? A 10 ? B 11 ? 
# 
_atom_sites.entry_id                    1A2E 
_atom_sites.fract_transf_matrix[1][1]   0.02284738 
_atom_sites.fract_transf_matrix[1][2]   0.00524338 
_atom_sites.fract_transf_matrix[1][3]   -0.00023820 
_atom_sites.fract_transf_matrix[2][1]   0.00010382 
_atom_sites.fract_transf_matrix[2][2]   -0.00196509 
_atom_sites.fract_transf_matrix[2][3]   -0.03329790 
_atom_sites.fract_transf_matrix[3][1]   -0.00261544 
_atom_sites.fract_transf_matrix[3][2]   0.02139430 
_atom_sites.fract_transf_matrix[3][3]   -0.00127075 
_atom_sites.fract_transf_vector[1]      0.301160 
_atom_sites.fract_transf_vector[2]      0.272824 
_atom_sites.fract_transf_vector[3]      0.789409 
# 
loop_
_atom_type.symbol 
C  
N  
O  
P  
PT 
# 
loop_
_atom_site.group_PDB 
_atom_site.id 
_atom_site.type_symbol 
_atom_site.label_atom_id 
_atom_site.label_alt_id 
_atom_site.label_comp_id 
_atom_site.label_asym_id 
_atom_site.label_entity_id 
_atom_site.label_seq_id 
_atom_site.pdbx_PDB_ins_code 
_atom_site.Cartn_x 
_atom_site.Cartn_y 
_atom_site.Cartn_z 
_atom_site.occupancy 
_atom_site.B_iso_or_equiv 
_atom_site.pdbx_formal_charge 
_atom_site.auth_seq_id 
_atom_site.auth_comp_id 
_atom_site.auth_asym_id 
_atom_site.auth_atom_id 
_atom_site.pdbx_PDB_model_num 
ATOM   1   O  "O5'" . DC  A 1 1  ? -10.002 15.958  -5.376  1.00 24.06 ? 1   DC  A "O5'" 1 
ATOM   2   C  "C5'" . DC  A 1 1  ? -10.518 17.019  -4.606  1.00 17.61 ? 1   DC  A "C5'" 1 
ATOM   3   C  "C4'" . DC  A 1 1  ? -10.809 16.426  -3.236  1.00 20.40 ? 1   DC  A "C4'" 1 
ATOM   4   O  "O4'" . DC  A 1 1  ? -11.959 15.539  -3.287  1.00 16.07 ? 1   DC  A "O4'" 1 
ATOM   5   C  "C3'" . DC  A 1 1  ? -9.746  15.515  -2.552  1.00 19.35 ? 1   DC  A "C3'" 1 
ATOM   6   O  "O3'" . DC  A 1 1  ? -8.735  16.303  -1.953  1.00 19.86 ? 1   DC  A "O3'" 1 
ATOM   7   C  "C2'" . DC  A 1 1  ? -10.516 14.680  -1.550  1.00 13.27 ? 1   DC  A "C2'" 1 
ATOM   8   C  "C1'" . DC  A 1 1  ? -11.855 14.487  -2.266  1.00 10.67 ? 1   DC  A "C1'" 1 
ATOM   9   N  N1    . DC  A 1 1  ? -11.982 13.262  -2.957  1.00 13.15 ? 1   DC  A N1    1 
ATOM   10  C  C2    . DC  A 1 1  ? -12.203 12.107  -2.201  1.00 13.80 ? 1   DC  A C2    1 
ATOM   11  O  O2    . DC  A 1 1  ? -12.279 12.236  -0.971  1.00 15.03 ? 1   DC  A O2    1 
ATOM   12  N  N3    . DC  A 1 1  ? -12.331 10.918  -2.820  1.00 13.68 ? 1   DC  A N3    1 
ATOM   13  C  C4    . DC  A 1 1  ? -12.241 10.846  -4.150  1.00 13.84 ? 1   DC  A C4    1 
ATOM   14  N  N4    . DC  A 1 1  ? -12.369 9.651   -4.743  1.00 13.84 ? 1   DC  A N4    1 
ATOM   15  C  C5    . DC  A 1 1  ? -12.013 12.003  -4.943  1.00 13.60 ? 1   DC  A C5    1 
ATOM   16  C  C6    . DC  A 1 1  ? -11.885 13.184  -4.318  1.00 11.56 ? 1   DC  A C6    1 
ATOM   17  P  P     . DC  A 1 2  ? -7.283  15.715  -1.724  1.00 27.25 ? 2   DC  A P     1 
ATOM   18  O  OP1   . DC  A 1 2  ? -6.522  16.782  -0.996  1.00 30.20 ? 2   DC  A OP1   1 
ATOM   19  O  OP2   . DC  A 1 2  ? -6.838  15.102  -3.024  1.00 22.26 ? 2   DC  A OP2   1 
ATOM   20  O  "O5'" . DC  A 1 2  ? -7.522  14.482  -0.679  1.00 20.51 ? 2   DC  A "O5'" 1 
ATOM   21  C  "C5'" . DC  A 1 2  ? -7.922  14.797  0.649   1.00 18.27 ? 2   DC  A "C5'" 1 
ATOM   22  C  "C4'" . DC  A 1 2  ? -8.163  13.496  1.335   1.00 12.31 ? 2   DC  A "C4'" 1 
ATOM   23  O  "O4'" . DC  A 1 2  ? -9.171  12.708  0.683   1.00 15.61 ? 2   DC  A "O4'" 1 
ATOM   24  C  "C3'" . DC  A 1 2  ? -6.950  12.483  1.376   1.00 13.04 ? 2   DC  A "C3'" 1 
ATOM   25  O  "O3'" . DC  A 1 2  ? -6.059  12.853  2.412   1.00 19.36 ? 2   DC  A "O3'" 1 
ATOM   26  C  "C2'" . DC  A 1 2  ? -7.568  11.138  1.554   1.00 15.41 ? 2   DC  A "C2'" 1 
ATOM   27  C  "C1'" . DC  A 1 2  ? -8.907  11.269  0.826   1.00 23.03 ? 2   DC  A "C1'" 1 
ATOM   28  N  N1    . DC  A 1 2  ? -8.948  10.708  -0.486  1.00 17.59 ? 2   DC  A N1    1 
ATOM   29  C  C2    . DC  A 1 2  ? -9.255  9.354   -0.577  1.00 14.89 ? 2   DC  A C2    1 
ATOM   30  O  O2    . DC  A 1 2  ? -9.483  8.720   0.466   1.00 16.81 ? 2   DC  A O2    1 
ATOM   31  N  N3    . DC  A 1 2  ? -9.321  8.725   -1.778  1.00 15.07 ? 2   DC  A N3    1 
ATOM   32  C  C4    . DC  A 1 2  ? -9.066  9.459   -2.867  1.00 14.65 ? 2   DC  A C4    1 
ATOM   33  N  N4    . DC  A 1 2  ? -9.139  8.795   -4.036  1.00 16.84 ? 2   DC  A N4    1 
ATOM   34  C  C5    . DC  A 1 2  ? -8.747  10.836  -2.798  1.00 12.44 ? 2   DC  A C5    1 
ATOM   35  C  C6    . DC  A 1 2  ? -8.682  11.462  -1.600  1.00 11.66 ? 2   DC  A C6    1 
ATOM   36  P  P     . DT  A 1 3  ? -4.645  12.181  2.633   1.00 26.13 ? 3   DT  A P     1 
ATOM   37  O  OP1   . DT  A 1 3  ? -4.004  12.926  3.761   1.00 23.38 ? 3   DT  A OP1   1 
ATOM   38  O  OP2   . DT  A 1 3  ? -3.970  12.009  1.309   1.00 28.27 ? 3   DT  A OP2   1 
ATOM   39  O  "O5'" . DT  A 1 3  ? -5.054  10.691  3.153   1.00 26.87 ? 3   DT  A "O5'" 1 
ATOM   40  C  "C5'" . DT  A 1 3  ? -5.722  10.501  4.385   1.00 17.11 ? 3   DT  A "C5'" 1 
ATOM   41  C  "C4'" . DT  A 1 3  ? -5.788  9.027   4.614   1.00 18.79 ? 3   DT  A "C4'" 1 
ATOM   42  O  "O4'" . DT  A 1 3  ? -6.667  8.343   3.700   1.00 24.65 ? 3   DT  A "O4'" 1 
ATOM   43  C  "C3'" . DT  A 1 3  ? -4.436  8.243   4.415   1.00 28.30 ? 3   DT  A "C3'" 1 
ATOM   44  O  "O3'" . DT  A 1 3  ? -3.683  8.346   5.603   1.00 28.49 ? 3   DT  A "O3'" 1 
ATOM   45  C  "C2'" . DT  A 1 3  ? -4.811  6.838   4.054   1.00 19.33 ? 3   DT  A "C2'" 1 
ATOM   46  C  "C1'" . DT  A 1 3  ? -6.159  7.003   3.356   1.00 28.34 ? 3   DT  A "C1'" 1 
ATOM   47  N  N1    . DT  A 1 3  ? -6.173  6.985   1.928   1.00 20.35 ? 3   DT  A N1    1 
ATOM   48  C  C2    . DT  A 1 3  ? -6.594  5.815   1.333   1.00 16.38 ? 3   DT  A C2    1 
ATOM   49  O  O2    . DT  A 1 3  ? -6.952  4.798   1.903   1.00 18.68 ? 3   DT  A O2    1 
ATOM   50  N  N3    . DT  A 1 3  ? -6.578  5.885   -0.039  1.00 17.82 ? 3   DT  A N3    1 
ATOM   51  C  C4    . DT  A 1 3  ? -6.207  6.941   -0.843  1.00 14.73 ? 3   DT  A C4    1 
ATOM   52  O  O4    . DT  A 1 3  ? -6.268  6.795   -2.063  1.00 17.00 ? 3   DT  A O4    1 
ATOM   53  C  C5    . DT  A 1 3  ? -5.781  8.140   -0.147  1.00 13.81 ? 3   DT  A C5    1 
ATOM   54  C  C7    . DT  A 1 3  ? -5.362  9.324   -0.942  1.00 19.37 ? 3   DT  A C7    1 
ATOM   55  C  C6    . DT  A 1 3  ? -5.790  8.085   1.200   1.00 16.14 ? 3   DT  A C6    1 
ATOM   56  P  P     . DC  A 1 4  ? -2.119  8.488   5.488   1.00 28.08 ? 4   DC  A P     1 
ATOM   57  O  OP1   . DC  A 1 4  ? -1.626  9.097   6.767   1.00 27.54 ? 4   DC  A OP1   1 
ATOM   58  O  OP2   . DC  A 1 4  ? -1.751  8.947   4.114   1.00 40.06 ? 4   DC  A OP2   1 
ATOM   59  O  "O5'" . DC  A 1 4  ? -1.634  6.917   5.577   1.00 20.07 ? 4   DC  A "O5'" 1 
ATOM   60  C  "C5'" . DC  A 1 4  ? -2.129  6.092   6.633   1.00 18.54 ? 4   DC  A "C5'" 1 
ATOM   61  C  "C4'" . DC  A 1 4  ? -1.760  4.701   6.174   1.00 13.84 ? 4   DC  A "C4'" 1 
ATOM   62  O  "O4'" . DC  A 1 4  ? -2.440  4.359   4.952   1.00 20.02 ? 4   DC  A "O4'" 1 
ATOM   63  C  "C3'" . DC  A 1 4  ? -0.245  4.478   5.864   1.00 18.42 ? 4   DC  A "C3'" 1 
ATOM   64  O  "O3'" . DC  A 1 4  ? 0.181   3.243   6.407   1.00 13.43 ? 4   DC  A "O3'" 1 
ATOM   65  C  "C2'" . DC  A 1 4  ? -0.125  4.566   4.355   1.00 12.96 ? 4   DC  A "C2'" 1 
ATOM   66  C  "C1'" . DC  A 1 4  ? -1.497  4.031   3.892   1.00 19.59 ? 4   DC  A "C1'" 1 
ATOM   67  N  N1    . DC  A 1 4  ? -1.925  4.600   2.661   1.00 13.09 ? 4   DC  A N1    1 
ATOM   68  C  C2    . DC  A 1 4  ? -2.617  3.775   1.768   1.00 15.00 ? 4   DC  A C2    1 
ATOM   69  O  O2    . DC  A 1 4  ? -2.834  2.610   2.071   1.00 15.90 ? 4   DC  A O2    1 
ATOM   70  N  N3    . DC  A 1 4  ? -3.035  4.295   0.579   1.00 15.85 ? 4   DC  A N3    1 
ATOM   71  C  C4    . DC  A 1 4  ? -2.790  5.562   0.271   1.00 15.71 ? 4   DC  A C4    1 
ATOM   72  N  N4    . DC  A 1 4  ? -3.230  6.009   -0.913  1.00 21.20 ? 4   DC  A N4    1 
ATOM   73  C  C5    . DC  A 1 4  ? -2.085  6.438   1.154   1.00 20.11 ? 4   DC  A C5    1 
ATOM   74  C  C6    . DC  A 1 4  ? -1.680  5.903   2.321   1.00 17.55 ? 4   DC  A C6    1 
ATOM   75  P  P     . DG  A 1 5  ? 1.544   3.161   7.236   1.00 17.26 ? 5   DG  A P     1 
ATOM   76  O  OP1   . DG  A 1 5  ? 1.472   1.840   7.966   1.00 18.73 ? 5   DG  A OP1   1 
ATOM   77  O  OP2   . DG  A 1 5  ? 1.864   4.471   7.887   1.00 21.09 ? 5   DG  A OP2   1 
ATOM   78  O  "O5'" . DG  A 1 5  ? 2.680   3.047   6.064   1.00 15.87 ? 5   DG  A "O5'" 1 
ATOM   79  C  "C5'" . DG  A 1 5  ? 2.722   1.841   5.304   1.00 18.19 ? 5   DG  A "C5'" 1 
ATOM   80  C  "C4'" . DG  A 1 5  ? 4.167   1.676   4.927   1.00 14.55 ? 5   DG  A "C4'" 1 
ATOM   81  O  "O4'" . DG  A 1 5  ? 4.342   0.567   3.997   1.00 14.68 ? 5   DG  A "O4'" 1 
ATOM   82  C  "C3'" . DG  A 1 5  ? 4.853   2.872   4.198   1.00 18.66 ? 5   DG  A "C3'" 1 
ATOM   83  O  "O3'" . DG  A 1 5  ? 6.207   2.921   4.575   1.00 17.20 ? 5   DG  A "O3'" 1 
ATOM   84  C  "C2'" . DG  A 1 5  ? 4.630   2.612   2.732   1.00 16.70 ? 5   DG  A "C2'" 1 
ATOM   85  C  "C1'" . DG  A 1 5  ? 4.692   1.077   2.667   1.00 14.74 ? 5   DG  A "C1'" 1 
ATOM   86  N  N9    . DG  A 1 5  ? 3.794   0.504   1.708   1.00 14.65 ? 5   DG  A N9    1 
ATOM   87  C  C8    . DG  A 1 5  ? 2.679   -0.253  1.928   1.00 15.03 ? 5   DG  A C8    1 
ATOM   88  N  N7    . DG  A 1 5  ? 2.091   -0.609  0.829   1.00 12.69 ? 5   DG  A N7    1 
ATOM   89  C  C5    . DG  A 1 5  ? 2.862   -0.058  -0.199  1.00 12.65 ? 5   DG  A C5    1 
ATOM   90  C  C6    . DG  A 1 5  ? 2.732   -0.097  -1.613  1.00 13.92 ? 5   DG  A C6    1 
ATOM   91  O  O6    . DG  A 1 5  ? 1.890   -0.639  -2.342  1.00 13.72 ? 5   DG  A O6    1 
ATOM   92  N  N1    . DG  A 1 5  ? 3.762   0.617   -2.250  1.00 10.67 ? 5   DG  A N1    1 
ATOM   93  C  C2    . DG  A 1 5  ? 4.778   1.279   -1.615  1.00 11.88 ? 5   DG  A C2    1 
ATOM   94  N  N2    . DG  A 1 5  ? 5.659   1.900   -2.410  1.00 17.26 ? 5   DG  A N2    1 
ATOM   95  N  N3    . DG  A 1 5  ? 4.916   1.327   -0.285  1.00 13.78 ? 5   DG  A N3    1 
ATOM   96  C  C4    . DG  A 1 5  ? 3.924   0.639   0.340   1.00 12.03 ? 5   DG  A C4    1 
ATOM   97  P  P     . DC  A 1 6  ? 6.893   3.947   5.560   1.00 21.38 ? 6   DC  A P     1 
ATOM   98  O  OP1   . DC  A 1 6  ? 6.047   5.186   5.599   1.00 26.89 ? 6   DC  A OP1   1 
ATOM   99  O  OP2   . DC  A 1 6  ? 8.359   3.924   5.257   1.00 22.53 ? 6   DC  A OP2   1 
ATOM   100 O  "O5'" . DC  A 1 6  ? 6.722   3.220   7.022   1.00 18.12 ? 6   DC  A "O5'" 1 
ATOM   101 C  "C5'" . DC  A 1 6  ? 7.570   2.244   7.620   1.00 19.00 ? 6   DC  A "C5'" 1 
ATOM   102 C  "C4'" . DC  A 1 6  ? 7.094   2.124   9.048   1.00 19.33 ? 6   DC  A "C4'" 1 
ATOM   103 O  "O4'" . DC  A 1 6  ? 7.331   3.311   9.822   1.00 15.16 ? 6   DC  A "O4'" 1 
ATOM   104 C  "C3'" . DC  A 1 6  ? 5.550   1.889   9.242   1.00 15.89 ? 6   DC  A "C3'" 1 
ATOM   105 O  "O3'" . DC  A 1 6  ? 5.406   0.874   10.202  1.00 13.30 ? 6   DC  A "O3'" 1 
ATOM   106 C  "C2'" . DC  A 1 6  ? 4.955   3.223   9.621   1.00 12.60 ? 6   DC  A "C2'" 1 
ATOM   107 C  "C1'" . DC  A 1 6  ? 6.084   3.855   10.405  1.00 11.27 ? 6   DC  A "C1'" 1 
ATOM   108 N  N1    . DC  A 1 6  ? 6.311   5.250   10.298  1.00 12.81 ? 6   DC  A N1    1 
ATOM   109 C  C2    . DC  A 1 6  ? 6.388   6.020   11.463  1.00 14.75 ? 6   DC  A C2    1 
ATOM   110 O  O2    . DC  A 1 6  ? 6.259   5.485   12.574  1.00 13.97 ? 6   DC  A O2    1 
ATOM   111 N  N3    . DC  A 1 6  ? 6.609   7.335   11.311  1.00 11.83 ? 6   DC  A N3    1 
ATOM   112 C  C4    . DC  A 1 6  ? 6.748   7.893   10.108  1.00 12.72 ? 6   DC  A C4    1 
ATOM   113 N  N4    . DC  A 1 6  ? 6.962   9.197   10.005  1.00 17.06 ? 6   DC  A N4    1 
ATOM   114 C  C5    . DC  A 1 6  ? 6.673   7.126   8.896   1.00 13.63 ? 6   DC  A C5    1 
ATOM   115 C  C6    . DC  A 1 6  ? 6.454   5.814   9.064   1.00 14.23 ? 6   DC  A C6    1 
ATOM   116 P  P     . DT  A 1 7  ? 5.495   -0.684  10.039  1.00 14.59 ? 7   DT  A P     1 
ATOM   117 O  OP1   . DT  A 1 7  ? 5.022   -1.303  11.327  1.00 14.59 ? 7   DT  A OP1   1 
ATOM   118 O  OP2   . DT  A 1 7  ? 6.840   -1.066  9.476   1.00 13.94 ? 7   DT  A OP2   1 
ATOM   119 O  "O5'" . DT  A 1 7  ? 4.430   -1.074  8.885   1.00 13.99 ? 7   DT  A "O5'" 1 
ATOM   120 C  "C5'" . DT  A 1 7  ? 3.052   -0.674  8.913   1.00 13.79 ? 7   DT  A "C5'" 1 
ATOM   121 C  "C4'" . DT  A 1 7  ? 2.363   -1.652  7.996   1.00 10.18 ? 7   DT  A "C4'" 1 
ATOM   122 O  "O4'" . DT  A 1 7  ? 2.840   -1.513  6.646   1.00 12.48 ? 7   DT  A "O4'" 1 
ATOM   123 C  "C3'" . DT  A 1 7  ? 2.575   -3.163  8.316   1.00 14.23 ? 7   DT  A "C3'" 1 
ATOM   124 O  "O3'" . DT  A 1 7  ? 1.344   -3.832  8.171   1.00 17.40 ? 7   DT  A "O3'" 1 
ATOM   125 C  "C2'" . DT  A 1 7  ? 3.637   -3.656  7.365   1.00 17.40 ? 7   DT  A "C2'" 1 
ATOM   126 C  "C1'" . DT  A 1 7  ? 3.381   -2.791  6.132   1.00 13.50 ? 7   DT  A "C1'" 1 
ATOM   127 N  N1    . DT  A 1 7  ? 4.503   -2.427  5.336   1.00 10.21 ? 7   DT  A N1    1 
ATOM   128 C  C2    . DT  A 1 7  ? 4.435   -2.580  3.966   1.00 12.60 ? 7   DT  A C2    1 
ATOM   129 O  O2    . DT  A 1 7  ? 3.463   -3.015  3.358   1.00 13.96 ? 7   DT  A O2    1 
ATOM   130 N  N3    . DT  A 1 7  ? 5.568   -2.200  3.299   1.00 15.53 ? 7   DT  A N3    1 
ATOM   131 C  C4    . DT  A 1 7  ? 6.737   -1.696  3.835   1.00 20.11 ? 7   DT  A C4    1 
ATOM   132 O  O4    . DT  A 1 7  ? 7.700   -1.385  3.122   1.00 15.12 ? 7   DT  A O4    1 
ATOM   133 C  C5    . DT  A 1 7  ? 6.735   -1.565  5.275   1.00 17.54 ? 7   DT  A C5    1 
ATOM   134 C  C7    . DT  A 1 7  ? 7.951   -1.026  5.960   1.00 18.42 ? 7   DT  A C7    1 
ATOM   135 C  C6    . DT  A 1 7  ? 5.638   -1.927  5.956   1.00 11.72 ? 7   DT  A C6    1 
ATOM   136 P  P     . DC  A 1 8  ? 1.147   -5.370  8.336   1.00 19.92 ? 8   DC  A P     1 
ATOM   137 O  OP1   . DC  A 1 8  ? -0.256  -5.592  8.817   1.00 24.43 ? 8   DC  A OP1   1 
ATOM   138 O  OP2   . DC  A 1 8  ? 2.334   -5.995  9.026   1.00 22.66 ? 8   DC  A OP2   1 
ATOM   139 O  "O5'" . DC  A 1 8  ? 1.164   -5.960  6.802   1.00 16.27 ? 8   DC  A "O5'" 1 
ATOM   140 C  "C5'" . DC  A 1 8  ? 0.140   -5.479  5.953   1.00 15.35 ? 8   DC  A "C5'" 1 
ATOM   141 C  "C4'" . DC  A 1 8  ? 0.335   -6.193  4.636   1.00 22.69 ? 8   DC  A "C4'" 1 
ATOM   142 O  "O4'" . DC  A 1 8  ? 1.558   -5.770  4.006   1.00 17.77 ? 8   DC  A "O4'" 1 
ATOM   143 C  "C3'" . DC  A 1 8  ? 0.469   -7.749  4.674   1.00 24.82 ? 8   DC  A "C3'" 1 
ATOM   144 O  "O3'" . DC  A 1 8  ? -0.493  -8.276  3.774   1.00 18.04 ? 8   DC  A "O3'" 1 
ATOM   145 C  "C2'" . DC  A 1 8  ? 1.892   -8.090  4.323   1.00 17.62 ? 8   DC  A "C2'" 1 
ATOM   146 C  "C1'" . DC  A 1 8  ? 2.311   -6.911  3.459   1.00 15.04 ? 8   DC  A "C1'" 1 
ATOM   147 N  N1    . DC  A 1 8  ? 3.649   -6.429  3.501   1.00 15.56 ? 8   DC  A N1    1 
ATOM   148 C  C2    . DC  A 1 8  ? 4.343   -6.208  2.306   1.00 14.07 ? 8   DC  A C2    1 
ATOM   149 O  O2    . DC  A 1 8  ? 3.774   -6.444  1.235   1.00 15.58 ? 8   DC  A O2    1 
ATOM   150 N  N3    . DC  A 1 8  ? 5.608   -5.751  2.363   1.00 11.86 ? 8   DC  A N3    1 
ATOM   151 C  C4    . DC  A 1 8  ? 6.193   -5.510  3.535   1.00 14.13 ? 8   DC  A C4    1 
ATOM   152 N  N4    . DC  A 1 8  ? 7.443   -5.056  3.568   1.00 15.03 ? 8   DC  A N4    1 
ATOM   153 C  C5    . DC  A 1 8  ? 5.513   -5.721  4.779   1.00 17.22 ? 8   DC  A C5    1 
ATOM   154 C  C6    . DC  A 1 8  ? 4.253   -6.178  4.705   1.00 14.11 ? 8   DC  A C6    1 
ATOM   155 P  P     . DT  A 1 9  ? -0.774  -9.827  3.636   1.00 24.43 ? 9   DT  A P     1 
ATOM   156 O  OP1   . DT  A 1 9  ? -2.084  -9.914  2.906   1.00 23.33 ? 9   DT  A OP1   1 
ATOM   157 O  OP2   . DT  A 1 9  ? -0.454  -10.478 4.938   1.00 23.40 ? 9   DT  A OP2   1 
ATOM   158 O  "O5'" . DT  A 1 9  ? 0.330   -10.329 2.550   1.00 20.11 ? 9   DT  A "O5'" 1 
ATOM   159 C  "C5'" . DT  A 1 9  ? 0.253   -10.016 1.169   1.00 21.08 ? 9   DT  A "C5'" 1 
ATOM   160 C  "C4'" . DT  A 1 9  ? 1.594   -10.344 0.574   1.00 19.02 ? 9   DT  A "C4'" 1 
ATOM   161 O  "O4'" . DT  A 1 9  ? 2.688   -9.598  1.139   1.00 20.24 ? 9   DT  A "O4'" 1 
ATOM   162 C  "C3'" . DT  A 1 9  ? 2.090   -11.823 0.774   1.00 28.29 ? 9   DT  A "C3'" 1 
ATOM   163 O  "O3'" . DT  A 1 9  ? 1.591   -12.571 -0.308  1.00 23.56 ? 9   DT  A "O3'" 1 
ATOM   164 C  "C2'" . DT  A 1 9  ? 3.595   -11.796 0.868   1.00 22.38 ? 9   DT  A "C2'" 1 
ATOM   165 C  "C1'" . DT  A 1 9  ? 3.943   -10.310 0.788   1.00 18.54 ? 9   DT  A "C1'" 1 
ATOM   166 N  N1    . DT  A 1 9  ? 4.952   -9.847  1.671   1.00 15.67 ? 9   DT  A N1    1 
ATOM   167 C  C2    . DT  A 1 9  ? 6.078   -9.290  1.098   1.00 17.85 ? 9   DT  A C2    1 
ATOM   168 O  O2    . DT  A 1 9  ? 6.239   -9.178  -0.100  1.00 21.52 ? 9   DT  A O2    1 
ATOM   169 N  N3    . DT  A 1 9  ? 7.020   -8.856  2.001   1.00 16.17 ? 9   DT  A N3    1 
ATOM   170 C  C4    . DT  A 1 9  ? 6.978   -8.918  3.379   1.00 26.12 ? 9   DT  A C4    1 
ATOM   171 O  O4    . DT  A 1 9  ? 7.936   -8.472  4.020   1.00 23.15 ? 9   DT  A O4    1 
ATOM   172 C  C5    . DT  A 1 9  ? 5.781   -9.507  3.908   1.00 19.92 ? 9   DT  A C5    1 
ATOM   173 C  C7    . DT  A 1 9  ? 5.613   -9.630  5.395   1.00 17.76 ? 9   DT  A C7    1 
ATOM   174 C  C6    . DT  A 1 9  ? 4.835   -9.940  3.041   1.00 18.51 ? 9   DT  A C6    1 
ATOM   175 P  P     . DC  A 1 10 ? 1.815   -14.151 -0.342  1.00 22.23 ? 10  DC  A P     1 
ATOM   176 O  OP1   . DC  A 1 10 ? 0.795   -14.670 -1.308  1.00 21.19 ? 10  DC  A OP1   1 
ATOM   177 O  OP2   . DC  A 1 10 ? 1.963   -14.603 1.066   1.00 29.02 ? 10  DC  A OP2   1 
ATOM   178 O  "O5'" . DC  A 1 10 ? 3.257   -14.283 -1.085  1.00 24.25 ? 10  DC  A "O5'" 1 
ATOM   179 C  "C5'" . DC  A 1 10 ? 3.416   -13.770 -2.393  1.00 19.50 ? 10  DC  A "C5'" 1 
ATOM   180 C  "C4'" . DC  A 1 10 ? 4.884   -13.638 -2.622  1.00 31.03 ? 10  DC  A "C4'" 1 
ATOM   181 O  "O4'" . DC  A 1 10 ? 5.504   -12.670 -1.739  1.00 25.14 ? 10  DC  A "O4'" 1 
ATOM   182 C  "C3'" . DC  A 1 10 ? 5.785   -14.883 -2.326  1.00 17.59 ? 10  DC  A "C3'" 1 
ATOM   183 O  "O3'" . DC  A 1 10 ? 5.598   -15.850 -3.337  1.00 23.67 ? 10  DC  A "O3'" 1 
ATOM   184 C  "C2'" . DC  A 1 10 ? 7.186   -14.311 -2.223  1.00 16.04 ? 10  DC  A "C2'" 1 
ATOM   185 C  "C1'" . DC  A 1 10 ? 6.953   -12.878 -1.744  1.00 23.42 ? 10  DC  A "C1'" 1 
ATOM   186 N  N1    . DC  A 1 10 ? 7.414   -12.585 -0.422  1.00 14.08 ? 10  DC  A N1    1 
ATOM   187 C  C2    . DC  A 1 10 ? 8.553   -11.786 -0.332  1.00 10.71 ? 10  DC  A C2    1 
ATOM   188 O  O2    . DC  A 1 10 ? 9.116   -11.363 -1.352  1.00 23.25 ? 10  DC  A O2    1 
ATOM   189 N  N3    . DC  A 1 10 ? 9.047   -11.471 0.897   1.00 14.20 ? 10  DC  A N3    1 
ATOM   190 C  C4    . DC  A 1 10 ? 8.408   -11.947 1.969   1.00 13.78 ? 10  DC  A C4    1 
ATOM   191 N  N4    . DC  A 1 10 ? 8.946   -11.598 3.151   1.00 22.24 ? 10  DC  A N4    1 
ATOM   192 C  C5    . DC  A 1 10 ? 7.241   -12.769 1.910   1.00 16.83 ? 10  DC  A C5    1 
ATOM   193 C  C6    . DC  A 1 10 ? 6.768   -13.069 0.679   1.00 15.63 ? 10  DC  A C6    1 
ATOM   194 O  "O5'" . DG  B 2 1  ? 18.872  -9.091  2.009   1.00 26.29 ? 11  DG  B "O5'" 1 
ATOM   195 C  "C5'" . DG  B 2 1  ? 18.626  -7.685  2.009   1.00 23.82 ? 11  DG  B "C5'" 1 
ATOM   196 C  "C4'" . DG  B 2 1  ? 18.096  -7.424  0.635   1.00 21.39 ? 11  DG  B "C4'" 1 
ATOM   197 O  "O4'" . DG  B 2 1  ? 16.883  -8.162  0.366   1.00 18.44 ? 11  DG  B "O4'" 1 
ATOM   198 C  "C3'" . DG  B 2 1  ? 17.653  -5.957  0.317   1.00 17.05 ? 11  DG  B "C3'" 1 
ATOM   199 O  "O3'" . DG  B 2 1  ? 17.870  -5.755  -1.052  1.00 20.87 ? 11  DG  B "O3'" 1 
ATOM   200 C  "C2'" . DG  B 2 1  ? 16.225  -5.894  0.781   1.00 21.04 ? 11  DG  B "C2'" 1 
ATOM   201 C  "C1'" . DG  B 2 1  ? 15.705  -7.312  0.467   1.00 22.84 ? 11  DG  B "C1'" 1 
ATOM   202 N  N9    . DG  B 2 1  ? 14.812  -7.840  1.462   1.00 16.05 ? 11  DG  B N9    1 
ATOM   203 C  C8    . DG  B 2 1  ? 14.824  -7.725  2.832   1.00 24.20 ? 11  DG  B C8    1 
ATOM   204 N  N7    . DG  B 2 1  ? 13.828  -8.355  3.405   1.00 21.48 ? 11  DG  B N7    1 
ATOM   205 C  C5    . DG  B 2 1  ? 13.113  -8.922  2.355   1.00 14.89 ? 11  DG  B C5    1 
ATOM   206 C  C6    . DG  B 2 1  ? 11.945  -9.717  2.323   1.00 14.63 ? 11  DG  B C6    1 
ATOM   207 O  O6    . DG  B 2 1  ? 11.225  -10.134 3.237   1.00 18.51 ? 11  DG  B O6    1 
ATOM   208 N  N1    . DG  B 2 1  ? 11.562  -10.075 1.040   1.00 14.70 ? 11  DG  B N1    1 
ATOM   209 C  C2    . DG  B 2 1  ? 12.243  -9.704  -0.103  1.00 13.82 ? 11  DG  B C2    1 
ATOM   210 N  N2    . DG  B 2 1  ? 11.689  -10.167 -1.229  1.00 14.77 ? 11  DG  B N2    1 
ATOM   211 N  N3    . DG  B 2 1  ? 13.328  -8.967  -0.098  1.00 15.22 ? 11  DG  B N3    1 
ATOM   212 C  C4    . DG  B 2 1  ? 13.717  -8.606  1.144   1.00 18.22 ? 11  DG  B C4    1 
ATOM   213 P  P     . DA  B 2 2  ? 17.511  -4.407  -1.793  1.00 24.70 ? 12  DA  B P     1 
ATOM   214 O  OP1   . DA  B 2 2  ? 18.423  -4.363  -2.995  1.00 25.41 ? 12  DA  B OP1   1 
ATOM   215 O  OP2   . DA  B 2 2  ? 17.395  -3.340  -0.754  1.00 34.60 ? 12  DA  B OP2   1 
ATOM   216 O  "O5'" . DA  B 2 2  ? 16.031  -4.674  -2.372  1.00 22.63 ? 12  DA  B "O5'" 1 
ATOM   217 C  "C5'" . DA  B 2 2  ? 15.897  -5.662  -3.397  1.00 19.90 ? 12  DA  B "C5'" 1 
ATOM   218 C  "C4'" . DA  B 2 2  ? 14.413  -5.627  -3.630  1.00 34.02 ? 12  DA  B "C4'" 1 
ATOM   219 O  "O4'" . DA  B 2 2  ? 13.673  -6.226  -2.551  1.00 32.96 ? 12  DA  B "O4'" 1 
ATOM   220 C  "C3'" . DA  B 2 2  ? 13.814  -4.186  -3.761  1.00 27.41 ? 12  DA  B "C3'" 1 
ATOM   221 O  "O3'" . DA  B 2 2  ? 12.911  -4.146  -4.839  1.00 48.35 ? 12  DA  B "O3'" 1 
ATOM   222 C  "C2'" . DA  B 2 2  ? 13.187  -3.897  -2.413  1.00 35.13 ? 12  DA  B "C2'" 1 
ATOM   223 C  "C1'" . DA  B 2 2  ? 12.619  -5.300  -2.081  1.00 28.55 ? 12  DA  B "C1'" 1 
ATOM   224 N  N9    . DA  B 2 2  ? 12.321  -5.463  -0.716  1.00 20.09 ? 12  DA  B N9    1 
ATOM   225 C  C8    . DA  B 2 2  ? 12.886  -4.954  0.431   1.00 14.70 ? 12  DA  B C8    1 
ATOM   226 N  N7    . DA  B 2 2  ? 12.290  -5.363  1.527   1.00 18.47 ? 12  DA  B N7    1 
ATOM   227 C  C5    . DA  B 2 2  ? 11.271  -6.192  1.059   1.00 20.83 ? 12  DA  B C5    1 
ATOM   228 C  C6    . DA  B 2 2  ? 10.271  -6.942  1.718   1.00 12.11 ? 12  DA  B C6    1 
ATOM   229 N  N6    . DA  B 2 2  ? 10.138  -6.976  3.036   1.00 33.01 ? 12  DA  B N6    1 
ATOM   230 N  N1    . DA  B 2 2  ? 9.431   -7.646  0.929   1.00 19.88 ? 12  DA  B N1    1 
ATOM   231 C  C2    . DA  B 2 2  ? 9.561   -7.616  -0.398  1.00 20.35 ? 12  DA  B C2    1 
ATOM   232 N  N3    . DA  B 2 2  ? 10.454  -6.951  -1.143  1.00 18.87 ? 12  DA  B N3    1 
ATOM   233 C  C4    . DA  B 2 2  ? 11.275  -6.264  -0.317  1.00 20.56 ? 12  DA  B C4    1 
ATOM   234 P  P     . DG  B 2 3  ? 12.680  -3.189  -6.092  1.00 42.39 ? 13  DG  B P     1 
ATOM   235 O  OP1   . DG  B 2 3  ? 13.556  -3.694  -7.201  1.00 41.67 ? 13  DG  B OP1   1 
ATOM   236 O  OP2   . DG  B 2 3  ? 12.636  -1.783  -5.601  1.00 48.96 ? 13  DG  B OP2   1 
ATOM   237 O  "O5'" . DG  B 2 3  ? 11.149  -3.608  -6.518  1.00 33.44 ? 13  DG  B "O5'" 1 
ATOM   238 C  "C5'" . DG  B 2 3  ? 10.910  -4.897  -7.049  1.00 15.55 ? 13  DG  B "C5'" 1 
ATOM   239 C  "C4'" . DG  B 2 3  ? 9.438   -5.177  -6.921  1.00 28.02 ? 13  DG  B "C4'" 1 
ATOM   240 O  "O4'" . DG  B 2 3  ? 9.100   -5.528  -5.555  1.00 23.22 ? 13  DG  B "O4'" 1 
ATOM   241 C  "C3'" . DG  B 2 3  ? 8.452   -4.010  -7.260  1.00 28.13 ? 13  DG  B "C3'" 1 
ATOM   242 O  "O3'" . DG  B 2 3  ? 7.336   -4.526  -7.975  1.00 27.82 ? 13  DG  B "O3'" 1 
ATOM   243 C  "C2'" . DG  B 2 3  ? 8.112   -3.381  -5.936  1.00 28.18 ? 13  DG  B "C2'" 1 
ATOM   244 C  "C1'" . DG  B 2 3  ? 8.134   -4.582  -4.976  1.00 22.28 ? 13  DG  B "C1'" 1 
ATOM   245 N  N9    . DG  B 2 3  ? 8.540   -4.314  -3.626  1.00 17.44 ? 13  DG  B N9    1 
ATOM   246 C  C8    . DG  B 2 3  ? 9.604   -3.629  -3.112  1.00 15.13 ? 13  DG  B C8    1 
ATOM   247 N  N7    . DG  B 2 3  ? 9.629   -3.603  -1.802  1.00 22.46 ? 13  DG  B N7    1 
ATOM   248 C  C5    . DG  B 2 3  ? 8.506   -4.322  -1.425  1.00 19.72 ? 13  DG  B C5    1 
ATOM   249 C  C6    . DG  B 2 3  ? 8.006   -4.635  -0.118  1.00 13.38 ? 13  DG  B C6    1 
ATOM   250 O  O6    . DG  B 2 3  ? 8.527   -4.293  0.966   1.00 17.58 ? 13  DG  B O6    1 
ATOM   251 N  N1    . DG  B 2 3  ? 6.852   -5.374  -0.222  1.00 14.70 ? 13  DG  B N1    1 
ATOM   252 C  C2    . DG  B 2 3  ? 6.238   -5.776  -1.372  1.00 17.13 ? 13  DG  B C2    1 
ATOM   253 N  N2    . DG  B 2 3  ? 5.121   -6.490  -1.269  1.00 17.41 ? 13  DG  B N2    1 
ATOM   254 N  N3    . DG  B 2 3  ? 6.692   -5.492  -2.593  1.00 22.90 ? 13  DG  B N3    1 
ATOM   255 C  C4    . DG  B 2 3  ? 7.820   -4.768  -2.529  1.00 13.73 ? 13  DG  B C4    1 
ATOM   256 P  P     . DA  B 2 4  ? 6.306   -3.472  -8.599  1.00 33.00 ? 14  DA  B P     1 
ATOM   257 O  OP1   . DA  B 2 4  ? 5.760   -4.057  -9.852  1.00 44.01 ? 14  DA  B OP1   1 
ATOM   258 O  OP2   . DA  B 2 4  ? 6.937   -2.125  -8.428  1.00 32.77 ? 14  DA  B OP2   1 
ATOM   259 O  "O5'" . DA  B 2 4  ? 5.102   -3.516  -7.490  1.00 17.52 ? 14  DA  B "O5'" 1 
ATOM   260 C  "C5'" . DA  B 2 4  ? 4.355   -4.717  -7.392  1.00 22.66 ? 14  DA  B "C5'" 1 
ATOM   261 C  "C4'" . DA  B 2 4  ? 3.431   -4.480  -6.227  1.00 27.33 ? 14  DA  B "C4'" 1 
ATOM   262 O  "O4'" . DA  B 2 4  ? 4.152   -4.264  -4.996  1.00 23.89 ? 14  DA  B "O4'" 1 
ATOM   263 C  "C3'" . DA  B 2 4  ? 2.499   -3.217  -6.321  1.00 20.99 ? 14  DA  B "C3'" 1 
ATOM   264 O  "O3'" . DA  B 2 4  ? 1.221   -3.607  -5.861  1.00 17.78 ? 14  DA  B "O3'" 1 
ATOM   265 C  "C2'" . DA  B 2 4  ? 3.200   -2.151  -5.523  1.00 15.53 ? 14  DA  B "C2'" 1 
ATOM   266 C  "C1'" . DA  B 2 4  ? 3.692   -3.014  -4.331  1.00 18.22 ? 14  DA  B "C1'" 1 
ATOM   267 N  N9    . DA  B 2 4  ? 4.731   -2.482  -3.560  1.00 16.33 ? 14  DA  B N9    1 
ATOM   268 C  C8    . DA  B 2 4  ? 5.854   -1.796  -3.955  1.00 16.24 ? 14  DA  B C8    1 
ATOM   269 N  N7    . DA  B 2 4  ? 6.635   -1.435  -2.973  1.00 15.82 ? 14  DA  B N7    1 
ATOM   270 C  C5    . DA  B 2 4  ? 5.982   -1.918  -1.840  1.00 18.45 ? 14  DA  B C5    1 
ATOM   271 C  C6    . DA  B 2 4  ? 6.297   -1.861  -0.478  1.00 15.10 ? 14  DA  B C6    1 
ATOM   272 N  N6    . DA  B 2 4  ? 7.391   -1.274  0.020   1.00 13.85 ? 14  DA  B N6    1 
ATOM   273 N  N1    . DA  B 2 4  ? 5.427   -2.446  0.389   1.00 15.24 ? 14  DA  B N1    1 
ATOM   274 C  C2    . DA  B 2 4  ? 4.340   -3.032  -0.085  1.00 13.36 ? 14  DA  B C2    1 
ATOM   275 N  N3    . DA  B 2 4  ? 3.938   -3.144  -1.356  1.00 15.16 ? 14  DA  B N3    1 
ATOM   276 C  C4    . DA  B 2 4  ? 4.811   -2.566  -2.187  1.00 15.26 ? 14  DA  B C4    1 
ATOM   277 P  P     . DG  B 2 5  ? -0.084  -3.424  -6.723  1.00 18.25 ? 15  DG  B P     1 
ATOM   278 O  OP1   . DG  B 2 5  ? -1.190  -4.211  -6.067  1.00 26.55 ? 15  DG  B OP1   1 
ATOM   279 O  OP2   . DG  B 2 5  ? 0.254   -3.656  -8.171  1.00 17.49 ? 15  DG  B OP2   1 
ATOM   280 O  "O5'" . DG  B 2 5  ? -0.444  -1.846  -6.578  1.00 15.99 ? 15  DG  B "O5'" 1 
ATOM   281 C  "C5'" . DG  B 2 5  ? -0.853  -1.449  -5.284  1.00 14.36 ? 15  DG  B "C5'" 1 
ATOM   282 C  "C4'" . DG  B 2 5  ? -1.306  -0.024  -5.390  1.00 14.49 ? 15  DG  B "C4'" 1 
ATOM   283 O  "O4'" . DG  B 2 5  ? -1.816  0.449   -4.119  1.00 14.02 ? 15  DG  B "O4'" 1 
ATOM   284 C  "C3'" . DG  B 2 5  ? -0.246  1.079   -5.736  1.00 10.20 ? 15  DG  B "C3'" 1 
ATOM   285 O  "O3'" . DG  B 2 5  ? -0.870  2.066   -6.536  1.00 15.51 ? 15  DG  B "O3'" 1 
ATOM   286 C  "C2'" . DG  B 2 5  ? 0.255   1.594   -4.429  1.00 10.62 ? 15  DG  B "C2'" 1 
ATOM   287 C  "C1'" . DG  B 2 5  ? -1.017  1.499   -3.545  1.00 9.99  ? 15  DG  B "C1'" 1 
ATOM   288 N  N9    . DG  B 2 5  ? -0.683  1.217   -2.180  1.00 14.01 ? 15  DG  B N9    1 
ATOM   289 C  C8    . DG  B 2 5  ? -0.701  0.045   -1.464  1.00 11.97 ? 15  DG  B C8    1 
ATOM   290 N  N7    . DG  B 2 5  ? -0.318  0.199   -0.216  1.00 13.52 ? 15  DG  B N7    1 
ATOM   291 C  C5    . DG  B 2 5  ? -0.024  1.545   -0.109  1.00 10.64 ? 15  DG  B C5    1 
ATOM   292 C  C6    . DG  B 2 5  ? 0.439   2.326   0.980   1.00 11.07 ? 15  DG  B C6    1 
ATOM   293 O  O6    . DG  B 2 5  ? 0.690   1.927   2.129   1.00 15.17 ? 15  DG  B O6    1 
ATOM   294 N  N1    . DG  B 2 5  ? 0.598   3.659   0.638   1.00 12.71 ? 15  DG  B N1    1 
ATOM   295 C  C2    . DG  B 2 5  ? 0.351   4.211   -0.600  1.00 18.24 ? 15  DG  B C2    1 
ATOM   296 N  N2    . DG  B 2 5  ? 0.558   5.521   -0.760  1.00 24.91 ? 15  DG  B N2    1 
ATOM   297 N  N3    . DG  B 2 5  ? -0.082  3.506   -1.634  1.00 14.74 ? 15  DG  B N3    1 
ATOM   298 C  C4    . DG  B 2 5  ? -0.245  2.200   -1.315  1.00 16.77 ? 15  DG  B C4    1 
ATOM   299 P  P     . DC  B 2 6  ? -0.111  2.836   -7.687  1.00 16.98 ? 16  DC  B P     1 
ATOM   300 O  OP1   . DC  B 2 6  ? 1.349   2.544   -7.604  1.00 18.46 ? 16  DC  B OP1   1 
ATOM   301 O  OP2   . DC  B 2 6  ? -0.617  4.245   -7.736  1.00 16.29 ? 16  DC  B OP2   1 
ATOM   302 O  "O5'" . DC  B 2 6  ? -0.677  2.092   -9.022  1.00 15.82 ? 16  DC  B "O5'" 1 
ATOM   303 C  "C5'" . DC  B 2 6  ? -1.980  2.519   -9.445  1.00 27.17 ? 16  DC  B "C5'" 1 
ATOM   304 C  "C4'" . DC  B 2 6  ? -2.502  1.332   -10.209 1.00 14.65 ? 16  DC  B "C4'" 1 
ATOM   305 O  "O4'" . DC  B 2 6  ? -1.702  1.102   -11.405 1.00 15.12 ? 16  DC  B "O4'" 1 
ATOM   306 C  "C3'" . DC  B 2 6  ? -2.471  -0.052  -9.517  1.00 15.65 ? 16  DC  B "C3'" 1 
ATOM   307 O  "O3'" . DC  B 2 6  ? -3.578  -0.836  -9.894  1.00 18.97 ? 16  DC  B "O3'" 1 
ATOM   308 C  "C2'" . DC  B 2 6  ? -1.170  -0.701  -9.946  1.00 16.74 ? 16  DC  B "C2'" 1 
ATOM   309 C  "C1'" . DC  B 2 6  ? -1.182  -0.260  -11.427 1.00 11.65 ? 16  DC  B "C1'" 1 
ATOM   310 N  N1    . DC  B 2 6  ? 0.068   -0.186  -12.087 1.00 14.94 ? 16  DC  B N1    1 
ATOM   311 C  C2    . DC  B 2 6  ? 0.343   -1.029  -13.164 1.00 22.07 ? 16  DC  B C2    1 
ATOM   312 O  O2    . DC  B 2 6  ? -0.501  -1.856  -13.560 1.00 22.60 ? 16  DC  B O2    1 
ATOM   313 N  N3    . DC  B 2 6  ? 1.542   -0.959  -13.799 1.00 15.23 ? 16  DC  B N3    1 
ATOM   314 C  C4    . DC  B 2 6  ? 2.451   -0.077  -13.381 1.00 12.96 ? 16  DC  B C4    1 
ATOM   315 N  N4    . DC  B 2 6  ? 3.614   -0.044  -14.037 1.00 17.24 ? 16  DC  B N4    1 
ATOM   316 C  C5    . DC  B 2 6  ? 2.187   0.800   -12.280 1.00 17.85 ? 16  DC  B C5    1 
ATOM   317 C  C6    . DC  B 2 6  ? 1.001   0.721   -11.659 1.00 13.74 ? 16  DC  B C6    1 
ATOM   318 P  P     . DG  B 2 7  ? -4.999  -0.824  -9.209  1.00 20.84 ? 17  DG  B P     1 
ATOM   319 O  OP1   . DG  B 2 7  ? -5.818  -1.859  -9.892  1.00 19.61 ? 17  DG  B OP1   1 
ATOM   320 O  OP2   . DG  B 2 7  ? -5.399  0.616   -9.043  1.00 27.41 ? 17  DG  B OP2   1 
ATOM   321 O  "O5'" . DG  B 2 7  ? -4.680  -1.359  -7.693  1.00 23.54 ? 17  DG  B "O5'" 1 
ATOM   322 C  "C5'" . DG  B 2 7  ? -3.772  -2.419  -7.432  1.00 17.29 ? 17  DG  B "C5'" 1 
ATOM   323 C  "C4'" . DG  B 2 7  ? -4.103  -2.961  -6.076  1.00 14.72 ? 17  DG  B "C4'" 1 
ATOM   324 O  "O4'" . DG  B 2 7  ? -3.900  -2.001  -5.028  1.00 17.97 ? 17  DG  B "O4'" 1 
ATOM   325 C  "C3'" . DG  B 2 7  ? -5.599  -3.387  -5.832  1.00 11.27 ? 17  DG  B "C3'" 1 
ATOM   326 O  "O3'" . DG  B 2 7  ? -5.636  -4.456  -4.931  1.00 14.55 ? 17  DG  B "O3'" 1 
ATOM   327 C  "C2'" . DG  B 2 7  ? -6.284  -2.113  -5.356  1.00 16.91 ? 17  DG  B "C2'" 1 
ATOM   328 C  "C1'" . DG  B 2 7  ? -5.199  -1.505  -4.472  1.00 16.97 ? 17  DG  B "C1'" 1 
ATOM   329 N  N9    . DG  B 2 7  ? -4.984  -0.094  -4.436  1.00 15.04 ? 17  DG  B N9    1 
ATOM   330 C  C8    . DG  B 2 7  ? -5.060  0.854   -5.420  1.00 15.15 ? 17  DG  B C8    1 
ATOM   331 N  N7    . DG  B 2 7  ? -4.795  2.072   -5.027  1.00 13.97 ? 17  DG  B N7    1 
ATOM   332 C  C5    . DG  B 2 7  ? -4.525  1.899   -3.675  1.00 16.35 ? 17  DG  B C5    1 
ATOM   333 C  C6    . DG  B 2 7  ? -4.172  2.877   -2.719  1.00 12.91 ? 17  DG  B C6    1 
ATOM   334 O  O6    . DG  B 2 7  ? -4.032  4.100   -2.902  1.00 16.96 ? 17  DG  B O6    1 
ATOM   335 N  N1    . DG  B 2 7  ? -3.983  2.291   -1.471  1.00 14.34 ? 17  DG  B N1    1 
ATOM   336 C  C2    . DG  B 2 7  ? -4.119  0.955   -1.196  1.00 16.18 ? 17  DG  B C2    1 
ATOM   337 N  N2    . DG  B 2 7  ? -3.889  0.617   0.085   1.00 16.60 ? 17  DG  B N2    1 
ATOM   338 N  N3    . DG  B 2 7  ? -4.452  0.019   -2.078  1.00 16.29 ? 17  DG  B N3    1 
ATOM   339 C  C4    . DG  B 2 7  ? -4.635  0.579   -3.298  1.00 18.59 ? 17  DG  B C4    1 
ATOM   340 P  P     . DA  B 2 8  ? -6.850  -5.447  -4.676  1.00 22.20 ? 18  DA  B P     1 
ATOM   341 O  OP1   . DA  B 2 8  ? -6.319  -6.572  -3.850  1.00 22.59 ? 18  DA  B OP1   1 
ATOM   342 O  OP2   . DA  B 2 8  ? -7.645  -5.552  -5.937  1.00 18.76 ? 18  DA  B OP2   1 
ATOM   343 O  "O5'" . DA  B 2 8  ? -7.774  -4.548  -3.662  1.00 18.51 ? 18  DA  B "O5'" 1 
ATOM   344 C  "C5'" . DA  B 2 8  ? -7.354  -4.463  -2.307  1.00 12.41 ? 18  DA  B "C5'" 1 
ATOM   345 C  "C4'" . DA  B 2 8  ? -8.232  -3.407  -1.706  1.00 13.67 ? 18  DA  B "C4'" 1 
ATOM   346 O  "O4'" . DA  B 2 8  ? -7.747  -2.089  -2.020  1.00 16.74 ? 18  DA  B "O4'" 1 
ATOM   347 C  "C3'" . DA  B 2 8  ? -9.733  -3.375  -2.187  1.00 17.52 ? 18  DA  B "C3'" 1 
ATOM   348 O  "O3'" . DA  B 2 8  ? -10.580 -3.347  -1.067  1.00 15.33 ? 18  DA  B "O3'" 1 
ATOM   349 C  "C2'" . DA  B 2 8  ? -9.833  -2.157  -3.092  1.00 15.78 ? 18  DA  B "C2'" 1 
ATOM   350 C  "C1'" . DA  B 2 8  ? -8.908  -1.209  -2.265  1.00 16.32 ? 18  DA  B "C1'" 1 
ATOM   351 N  N9    . DA  B 2 8  ? -8.588  -0.011  -2.916  1.00 14.96 ? 18  DA  B N9    1 
ATOM   352 C  C8    . DA  B 2 8  ? -8.632  0.338   -4.239  1.00 14.83 ? 18  DA  B C8    1 
ATOM   353 N  N7    . DA  B 2 8  ? -8.258  1.570   -4.495  1.00 15.52 ? 18  DA  B N7    1 
ATOM   354 C  C5    . DA  B 2 8  ? -7.943  2.068   -3.236  1.00 13.11 ? 18  DA  B C5    1 
ATOM   355 C  C6    . DA  B 2 8  ? -7.479  3.331   -2.837  1.00 15.39 ? 18  DA  B C6    1 
ATOM   356 N  N6    . DA  B 2 8  ? -7.257  4.323   -3.721  1.00 13.76 ? 18  DA  B N6    1 
ATOM   357 N  N1    . DA  B 2 8  ? -7.258  3.525   -1.519  1.00 17.53 ? 18  DA  B N1    1 
ATOM   358 C  C2    . DA  B 2 8  ? -7.495  2.504   -0.688  1.00 15.26 ? 18  DA  B C2    1 
ATOM   359 N  N3    . DA  B 2 8  ? -7.932  1.269   -0.941  1.00 15.27 ? 18  DA  B N3    1 
ATOM   360 C  C4    . DA  B 2 8  ? -8.143  1.110   -2.261  1.00 17.45 ? 18  DA  B C4    1 
ATOM   361 P  P     . DG  B 2 9  ? -12.042 -3.946  -1.070  1.00 18.46 ? 19  DG  B P     1 
ATOM   362 O  OP1   . DG  B 2 9  ? -12.527 -3.841  0.344   1.00 18.69 ? 19  DG  B OP1   1 
ATOM   363 O  OP2   . DG  B 2 9  ? -12.052 -5.208  -1.885  1.00 16.58 ? 19  DG  B OP2   1 
ATOM   364 O  "O5'" . DG  B 2 9  ? -12.884 -2.868  -1.933  1.00 14.25 ? 19  DG  B "O5'" 1 
ATOM   365 C  "C5'" . DG  B 2 9  ? -13.727 -1.889  -1.338  1.00 17.45 ? 19  DG  B "C5'" 1 
ATOM   366 C  "C4'" . DG  B 2 9  ? -12.832 -0.871  -0.714  1.00 10.99 ? 19  DG  B "C4'" 1 
ATOM   367 O  "O4'" . DG  B 2 9  ? -12.092 -0.104  -1.674  1.00 14.32 ? 19  DG  B "O4'" 1 
ATOM   368 C  "C3'" . DG  B 2 9  ? -13.566 0.253   0.104   1.00 12.25 ? 19  DG  B "C3'" 1 
ATOM   369 O  "O3'" . DG  B 2 9  ? -13.681 -0.210  1.449   1.00 16.89 ? 19  DG  B "O3'" 1 
ATOM   370 C  "C2'" . DG  B 2 9  ? -12.781 1.521   -0.056  1.00 12.88 ? 19  DG  B "C2'" 1 
ATOM   371 C  "C1'" . DG  B 2 9  ? -11.676 1.160   -1.056  1.00 13.75 ? 19  DG  B "C1'" 1 
ATOM   372 N  N9    . DG  B 2 9  ? -11.462 2.140   -2.083  1.00 13.29 ? 19  DG  B N9    1 
ATOM   373 C  C8    . DG  B 2 9  ? -11.615 2.014   -3.445  1.00 12.72 ? 19  DG  B C8    1 
ATOM   374 N  N7    . DG  B 2 9  ? -11.328 3.118   -4.077  1.00 13.90 ? 19  DG  B N7    1 
ATOM   375 C  C5    . DG  B 2 9  ? -10.965 4.020   -3.072  1.00 16.16 ? 19  DG  B C5    1 
ATOM   376 C  C6    . DG  B 2 9  ? -10.555 5.358   -3.126  1.00 12.62 ? 19  DG  B C6    1 
ATOM   377 O  O6    . DG  B 2 9  ? -10.409 6.105   -4.118  1.00 13.14 ? 19  DG  B O6    1 
ATOM   378 N  N1    . DG  B 2 9  ? -10.278 5.912   -1.873  1.00 14.45 ? 19  DG  B N1    1 
ATOM   379 C  C2    . DG  B 2 9  ? -10.390 5.219   -0.686  1.00 13.57 ? 19  DG  B C2    1 
ATOM   380 N  N2    . DG  B 2 9  ? -10.081 5.917   0.419   1.00 14.48 ? 19  DG  B N2    1 
ATOM   381 N  N3    . DG  B 2 9  ? -10.772 3.966   -0.628  1.00 14.05 ? 19  DG  B N3    1 
ATOM   382 C  C4    . DG  B 2 9  ? -11.047 3.413   -1.826  1.00 11.72 ? 19  DG  B C4    1 
ATOM   383 P  P     . DG  B 2 10 ? -14.814 0.363   2.399   1.00 15.24 ? 20  DG  B P     1 
ATOM   384 O  OP1   . DG  B 2 10 ? -14.750 -0.390  3.690   1.00 15.27 ? 20  DG  B OP1   1 
ATOM   385 O  OP2   . DG  B 2 10 ? -16.068 0.458   1.597   1.00 14.52 ? 20  DG  B OP2   1 
ATOM   386 O  "O5'" . DG  B 2 10 ? -14.327 1.885   2.699   1.00 19.25 ? 20  DG  B "O5'" 1 
ATOM   387 C  "C5'" . DG  B 2 10 ? -13.236 2.090   3.591   1.00 20.79 ? 20  DG  B "C5'" 1 
ATOM   388 C  "C4'" . DG  B 2 10 ? -13.326 3.547   3.955   1.00 11.98 ? 20  DG  B "C4'" 1 
ATOM   389 O  "O4'" . DG  B 2 10 ? -12.965 4.377   2.844   1.00 17.14 ? 20  DG  B "O4'" 1 
ATOM   390 C  "C3'" . DG  B 2 10 ? -14.741 4.075   4.355   1.00 18.41 ? 20  DG  B "C3'" 1 
ATOM   391 O  "O3'" . DG  B 2 10 ? -14.646 4.942   5.450   1.00 19.78 ? 20  DG  B "O3'" 1 
ATOM   392 C  "C2'" . DG  B 2 10 ? -15.300 4.764   3.117   1.00 18.18 ? 20  DG  B "C2'" 1 
ATOM   393 C  "C1'" . DG  B 2 10 ? -14.022 5.362   2.525   1.00 16.10 ? 20  DG  B "C1'" 1 
ATOM   394 N  N9    . DG  B 2 10 ? -13.993 5.579   1.108   1.00 9.69  ? 20  DG  B N9    1 
ATOM   395 C  C8    . DG  B 2 10 ? -14.355 4.708   0.098   1.00 12.36 ? 20  DG  B C8    1 
ATOM   396 N  N7    . DG  B 2 10 ? -14.202 5.236   -1.088  1.00 12.16 ? 20  DG  B N7    1 
ATOM   397 C  C5    . DG  B 2 10 ? -13.717 6.511   -0.834  1.00 12.50 ? 20  DG  B C5    1 
ATOM   398 C  C6    . DG  B 2 10 ? -13.359 7.560   -1.717  1.00 11.83 ? 20  DG  B C6    1 
ATOM   399 O  O6    . DG  B 2 10 ? -13.408 7.551   -2.953  1.00 14.11 ? 20  DG  B O6    1 
ATOM   400 N  N1    . DG  B 2 10 ? -12.913 8.702   -1.079  1.00 13.87 ? 20  DG  B N1    1 
ATOM   401 C  C2    . DG  B 2 10 ? -12.817 8.823   0.294   1.00 12.25 ? 20  DG  B C2    1 
ATOM   402 N  N2    . DG  B 2 10 ? -12.361 10.010  0.711   1.00 12.50 ? 20  DG  B N2    1 
ATOM   403 N  N3    . DG  B 2 10 ? -13.145 7.857   1.141   1.00 14.88 ? 20  DG  B N3    1 
ATOM   404 C  C4    . DG  B 2 10 ? -13.583 6.736   0.524   1.00 10.06 ? 20  DG  B C4    1 
HETATM 405 PT PT1   . CPT C 3 .  ? 0.240   -1.363  0.900   1.00 12.86 ? 101 CPT A PT1   1 
HETATM 406 N  N1    . CPT C 3 .  ? 0.883   -2.910  2.011   1.00 15.92 ? 101 CPT A N1    1 
HETATM 407 N  N2    . CPT C 3 .  ? -1.605  -2.125  0.970   1.00 14.28 ? 101 CPT A N2    1 
HETATM 408 O  O     . HOH D 4 .  ? -8.896  12.956  -6.122  1.00 15.31 ? 102 HOH A O     1 
HETATM 409 O  O     . HOH D 4 .  ? -12.292 13.757  1.420   1.00 16.61 ? 103 HOH A O     1 
HETATM 410 O  O     . HOH D 4 .  ? -12.103 9.633   -7.743  1.00 19.58 ? 104 HOH A O     1 
HETATM 411 O  O     . HOH D 4 .  ? 7.023   -3.860  8.344   1.00 21.24 ? 105 HOH A O     1 
HETATM 412 O  O     . HOH D 4 .  ? -3.200  -0.841  2.894   1.00 24.11 ? 106 HOH A O     1 
HETATM 413 O  O     . HOH D 4 .  ? 0.664   -3.144  -2.202  1.00 23.67 ? 107 HOH A O     1 
HETATM 414 O  O     . HOH D 4 .  ? 3.741   6.119   6.667   1.00 22.45 ? 108 HOH A O     1 
HETATM 415 O  O     . HOH D 4 .  ? -8.710  10.257  -6.394  1.00 21.86 ? 109 HOH A O     1 
HETATM 416 O  O     . HOH D 4 .  ? 9.166   -1.440  10.170  1.00 26.31 ? 110 HOH A O     1 
HETATM 417 O  O     . HOH D 4 .  ? 1.256   -5.203  -0.224  1.00 27.83 ? 111 HOH A O     1 
HETATM 418 O  O     . HOH D 4 .  ? 8.640   -4.681  6.245   1.00 20.73 ? 112 HOH A O     1 
HETATM 419 O  O     . HOH D 4 .  ? 2.891   -2.857  12.070  1.00 25.05 ? 113 HOH A O     1 
HETATM 420 O  O     . HOH D 4 .  ? -9.496  8.534   3.218   1.00 23.88 ? 114 HOH A O     1 
HETATM 421 O  O     . HOH D 4 .  ? 10.361  -2.509  2.552   1.00 34.00 ? 115 HOH A O     1 
HETATM 422 O  O     . HOH D 4 .  ? 7.353   -12.646 5.567   1.00 26.29 ? 116 HOH A O     1 
HETATM 423 O  O     . HOH D 4 .  ? -5.589  12.534  -2.732  1.00 25.30 ? 117 HOH A O     1 
HETATM 424 O  O     . HOH D 4 .  ? -1.485  -8.052  8.502   1.00 28.33 ? 118 HOH A O     1 
HETATM 425 O  O     . HOH D 4 .  ? 5.614   -9.470  -2.600  1.00 30.44 ? 119 HOH A O     1 
HETATM 426 O  O     . HOH D 4 .  ? 3.805   -7.669  7.520   1.00 23.00 ? 120 HOH A O     1 
HETATM 427 O  O     . HOH D 4 .  ? -4.405  18.321  0.341   1.00 39.53 ? 121 HOH A O     1 
HETATM 428 O  O     . HOH D 4 .  ? -1.954  8.749   -1.977  1.00 30.62 ? 122 HOH A O     1 
HETATM 429 O  O     . HOH D 4 .  ? -2.157  11.658  8.487   1.00 51.26 ? 123 HOH A O     1 
HETATM 430 O  O     . HOH D 4 .  ? -1.854  -3.448  8.446   1.00 29.57 ? 124 HOH A O     1 
HETATM 431 O  O     . HOH D 4 .  ? 3.575   -17.710 -3.277  1.00 29.34 ? 125 HOH A O     1 
HETATM 432 O  O     . HOH D 4 .  ? 0.576   -1.417  4.714   1.00 21.29 ? 126 HOH A O     1 
HETATM 433 O  O     . HOH D 4 .  ? -3.612  13.024  -0.915  1.00 25.37 ? 127 HOH A O     1 
HETATM 434 O  O     . HOH D 4 .  ? 2.708   6.889   4.323   1.00 29.18 ? 128 HOH A O     1 
HETATM 435 O  O     . HOH D 4 .  ? 8.456   -7.656  7.025   1.00 56.37 ? 129 HOH A O     1 
HETATM 436 O  O     . HOH D 4 .  ? 2.878   -10.290 7.174   1.00 27.31 ? 130 HOH A O     1 
HETATM 437 O  O     . HOH D 4 .  ? -6.765  14.792  -5.470  1.00 27.65 ? 131 HOH A O     1 
HETATM 438 O  O     . HOH D 4 .  ? -2.225  9.979   1.575   1.00 39.65 ? 132 HOH A O     1 
HETATM 439 O  O     . HOH D 4 .  ? -0.663  1.044   8.253   1.00 46.24 ? 133 HOH A O     1 
HETATM 440 O  O     . HOH D 4 .  ? 10.748  -3.657  5.594   1.00 41.51 ? 134 HOH A O     1 
HETATM 441 O  O     . HOH D 4 .  ? -2.047  -4.553  2.358   1.00 48.50 ? 135 HOH A O     1 
HETATM 442 O  O     . HOH D 4 .  ? -2.231  -2.453  6.335   1.00 37.99 ? 136 HOH A O     1 
HETATM 443 O  O     . HOH D 4 .  ? 4.262   -0.273  13.858  1.00 22.16 ? 137 HOH A O     1 
HETATM 444 O  O     . HOH D 4 .  ? 7.472   10.109  7.690   1.00 33.44 ? 138 HOH A O     1 
HETATM 445 O  O     . HOH D 4 .  ? -5.235  8.118   -4.231  1.00 30.06 ? 139 HOH A O     1 
HETATM 446 O  O     . HOH D 4 .  ? 10.757  4.614   6.530   1.00 38.37 ? 140 HOH A O     1 
HETATM 447 O  O     . HOH D 4 .  ? -2.373  1.031   6.097   1.00 36.33 ? 141 HOH A O     1 
HETATM 448 O  O     . HOH D 4 .  ? -0.542  -5.228  11.490  1.00 24.21 ? 142 HOH A O     1 
HETATM 449 O  O     . HOH D 4 .  ? -0.862  -1.370  10.247  1.00 44.94 ? 143 HOH A O     1 
HETATM 450 O  O     . HOH D 4 .  ? 6.731   -2.981  12.723  1.00 21.69 ? 144 HOH A O     1 
HETATM 451 O  O     . HOH D 4 .  ? 10.206  6.844   8.060   1.00 21.29 ? 145 HOH A O     1 
HETATM 452 O  O     . HOH D 4 .  ? 4.256   1.301   -4.798  1.00 23.63 ? 146 HOH A O     1 
HETATM 453 O  O     . HOH D 4 .  ? 7.783   1.981   0.842   1.00 36.11 ? 147 HOH A O     1 
HETATM 454 O  O     . HOH D 4 .  ? 2.763   -11.674 5.137   1.00 26.79 ? 148 HOH A O     1 
HETATM 455 O  O     . HOH D 4 .  ? -1.358  -5.803  0.562   1.00 42.08 ? 149 HOH A O     1 
HETATM 456 O  O     . HOH D 4 .  ? 9.511   -11.370 -3.937  1.00 43.88 ? 150 HOH A O     1 
HETATM 457 O  O     . HOH D 4 .  ? -1.835  -3.205  4.204   1.00 29.88 ? 151 HOH A O     1 
HETATM 458 O  O     . HOH E 4 .  ? -0.606  0.485   3.928   1.00 27.00 ? 21  HOH B O     1 
HETATM 459 O  O     . HOH E 4 .  ? -9.933  2.614   1.788   1.00 20.37 ? 22  HOH B O     1 
HETATM 460 O  O     . HOH E 4 .  ? -7.392  -0.584  1.060   1.00 26.59 ? 23  HOH B O     1 
HETATM 461 O  O     . HOH E 4 .  ? -11.645 10.364  3.523   1.00 17.50 ? 24  HOH B O     1 
HETATM 462 O  O     . HOH E 4 .  ? -2.841  -2.329  -1.838  1.00 24.71 ? 25  HOH B O     1 
HETATM 463 O  O     . HOH E 4 .  ? 1.792   -2.076  -9.871  1.00 23.61 ? 26  HOH B O     1 
HETATM 464 O  O     . HOH E 4 .  ? 2.330   5.303   2.081   1.00 20.83 ? 27  HOH B O     1 
HETATM 465 O  O     . HOH E 4 .  ? -16.104 0.143   5.875   1.00 22.46 ? 28  HOH B O     1 
HETATM 466 O  O     . HOH E 4 .  ? 2.581   -0.079  -8.024  1.00 19.64 ? 29  HOH B O     1 
HETATM 467 O  O     . HOH E 4 .  ? -0.275  6.856   -3.216  1.00 32.47 ? 30  HOH B O     1 
HETATM 468 O  O     . HOH E 4 .  ? 2.022   -3.025  -15.554 1.00 29.87 ? 31  HOH B O     1 
HETATM 469 O  O     . HOH E 4 .  ? 5.536   -1.934  -11.717 1.00 28.59 ? 32  HOH B O     1 
HETATM 470 O  O     . HOH E 4 .  ? -10.367 5.270   3.307   1.00 23.17 ? 33  HOH B O     1 
HETATM 471 O  O     . HOH E 4 .  ? 5.355   -0.002  -7.127  1.00 22.80 ? 34  HOH B O     1 
HETATM 472 O  O     . HOH E 4 .  ? 3.371   3.700   -8.595  1.00 25.68 ? 35  HOH B O     1 
HETATM 473 O  O     . HOH E 4 .  ? 3.262   3.704   -5.565  1.00 28.49 ? 36  HOH B O     1 
HETATM 474 O  O     . HOH E 4 .  ? 15.205  -2.564  0.208   1.00 30.24 ? 37  HOH B O     1 
HETATM 475 O  O     . HOH E 4 .  ? 9.856   -8.000  -3.331  1.00 36.72 ? 38  HOH B O     1 
HETATM 476 O  O     . HOH E 4 .  ? -16.767 6.130   6.176   1.00 42.96 ? 39  HOH B O     1 
HETATM 477 O  O     . HOH E 4 .  ? 6.184   -2.755  -13.763 1.00 26.55 ? 40  HOH B O     1 
HETATM 478 O  O     . HOH E 4 .  ? -10.495 -7.120  -1.145  1.00 38.71 ? 41  HOH B O     1 
HETATM 479 O  O     . HOH E 4 .  ? -9.831  -0.241  1.462   1.00 33.30 ? 42  HOH B O     1 
HETATM 480 O  O     . HOH E 4 .  ? 3.574   -3.123  -11.417 1.00 36.76 ? 43  HOH B O     1 
HETATM 481 O  O     . HOH E 4 .  ? 6.299   -7.301  -4.385  1.00 27.43 ? 44  HOH B O     1 
HETATM 482 O  O     . HOH E 4 .  ? 12.015  -6.622  4.649   1.00 40.33 ? 45  HOH B O     1 
HETATM 483 O  O     . HOH E 4 .  ? 8.711   0.117   -2.944  1.00 35.60 ? 46  HOH B O     1 
HETATM 484 O  O     . HOH E 4 .  ? -4.878  -2.192  0.498   1.00 40.42 ? 47  HOH B O     1 
HETATM 485 O  O     . HOH E 4 .  ? -8.171  3.105   -6.621  1.00 32.73 ? 48  HOH B O     1 
HETATM 486 O  O     . HOH E 4 .  ? -12.200 -1.774  4.409   1.00 35.09 ? 49  HOH B O     1 
HETATM 487 O  O     . HOH E 4 .  ? -2.287  -6.594  -6.495  1.00 33.71 ? 50  HOH B O     1 
HETATM 488 O  O     . HOH E 4 .  ? -8.775  12.193  4.796   1.00 22.74 ? 51  HOH B O     1 
HETATM 489 O  O     . HOH E 4 .  ? -9.863  -4.260  -6.147  1.00 30.93 ? 52  HOH B O     1 
HETATM 490 O  O     . HOH E 4 .  ? -9.647  5.760   -6.917  1.00 33.81 ? 53  HOH B O     1 
HETATM 491 O  O     . HOH E 4 .  ? -1.242  -4.723  -3.681  1.00 37.15 ? 54  HOH B O     1 
HETATM 492 O  O     . HOH E 4 .  ? 1.122   5.514   -5.691  1.00 36.58 ? 55  HOH B O     1 
HETATM 493 O  O     . HOH E 4 .  ? -13.688 1.352   7.348   1.00 30.28 ? 56  HOH B O     1 
HETATM 494 O  O     . HOH E 4 .  ? -8.639  9.990   6.538   1.00 32.73 ? 57  HOH B O     1 
HETATM 495 O  O     . HOH E 4 .  ? -1.947  -4.008  -12.360 1.00 32.71 ? 58  HOH B O     1 
HETATM 496 O  O     . HOH E 4 .  ? -11.131 12.912  3.667   1.00 20.11 ? 59  HOH B O     1 
HETATM 497 O  O     . HOH E 4 .  ? 12.800  -9.274  -3.761  1.00 40.32 ? 60  HOH B O     1 
HETATM 498 O  O     . HOH E 4 .  ? -6.634  10.229  8.061   1.00 32.22 ? 61  HOH B O     1 
HETATM 499 O  O     . HOH E 4 .  ? -10.742 1.702   5.615   1.00 37.22 ? 62  HOH B O     1 
# 
loop_
_atom_site_anisotrop.id 
_atom_site_anisotrop.type_symbol 
_atom_site_anisotrop.pdbx_label_atom_id 
_atom_site_anisotrop.pdbx_label_alt_id 
_atom_site_anisotrop.pdbx_label_comp_id 
_atom_site_anisotrop.pdbx_label_asym_id 
_atom_site_anisotrop.pdbx_label_seq_id 
_atom_site_anisotrop.pdbx_PDB_ins_code 
_atom_site_anisotrop.U[1][1] 
_atom_site_anisotrop.U[2][2] 
_atom_site_anisotrop.U[3][3] 
_atom_site_anisotrop.U[1][2] 
_atom_site_anisotrop.U[1][3] 
_atom_site_anisotrop.U[2][3] 
_atom_site_anisotrop.pdbx_auth_seq_id 
_atom_site_anisotrop.pdbx_auth_comp_id 
_atom_site_anisotrop.pdbx_auth_asym_id 
_atom_site_anisotrop.pdbx_auth_atom_id 
17  P  P   . DC  A 2  ? 0.2546 0.4289 0.3518 0.0142  -0.0051 -0.0920 2   DC  A P   
36  P  P   . DT  A 3  ? 0.1935 0.4356 0.3637 0.1691  -0.1334 -0.0978 3   DT  A P   
56  P  P   . DC  A 4  ? 0.3827 0.3153 0.3690 0.0901  -0.1728 -0.1704 4   DC  A P   
75  P  P   . DG  A 5  ? 0.2027 0.2791 0.1739 0.0506  0.0102  -0.0375 5   DG  A P   
97  P  P   . DC  A 6  ? 0.2629 0.3768 0.1728 -0.1148 -0.0071 -0.0200 6   DC  A P   
116 P  P   . DT  A 7  ? 0.1628 0.2163 0.1751 0.0235  0.0495  -0.0142 7   DT  A P   
136 P  P   . DC  A 8  ? 0.3047 0.2640 0.1880 -0.0160 0.0152  -0.0349 8   DC  A P   
155 P  P   . DT  A 9  ? 0.2585 0.3756 0.2941 -0.0302 0.0001  -0.0997 9   DT  A P   
175 P  P   . DC  A 10 ? 0.2296 0.2670 0.3481 -0.0203 -0.0740 -0.0447 10  DC  A P   
213 P  P   . DA  B 2  ? 0.3672 0.3253 0.2460 0.0452  0.0641  0.0858  12  DA  B P   
234 P  P   . DG  B 3  ? 0.5658 0.6318 0.4130 0.1345  -0.0611 0.1905  13  DG  B P   
256 P  P   . DA  B 4  ? 0.2892 0.5471 0.4177 0.2971  0.0652  0.1323  14  DA  B P   
277 P  P   . DG  B 5  ? 0.2267 0.2921 0.1747 0.0313  0.0119  -0.0167 15  DG  B P   
299 P  P   . DC  B 6  ? 0.1889 0.2020 0.2544 0.0507  0.0449  0.0358  16  DC  B P   
318 P  P   . DG  B 7  ? 0.1972 0.3759 0.2187 -0.0551 0.0066  -0.0071 17  DG  B P   
340 P  P   . DA  B 8  ? 0.2429 0.3623 0.2383 0.0078  0.0831  -0.0518 18  DA  B P   
361 P  P   . DG  B 9  ? 0.2500 0.2512 0.2003 0.0749  0.0205  0.0199  19  DG  B P   
383 P  P   . DG  B 10 ? 0.1627 0.2400 0.1761 0.0666  0.0029  -0.0051 20  DG  B P   
405 PT PT1 . CPT C .  ? 0.1525 0.1967 0.1396 0.0438  0.0151  0.0044  101 CPT A PT1 
406 N  N1  . CPT C .  ? 0.1675 0.2633 0.1741 0.0004  -0.0386 0.0672  101 CPT A N1  
407 N  N2  . CPT C .  ? 0.1522 0.1817 0.2086 0.0432  0.0119  0.0358  101 CPT A N2  
# 
